data_5NXQ
#
_entry.id   5NXQ
#
_cell.length_a   88.679
_cell.length_b   100.287
_cell.length_c   219.749
_cell.angle_alpha   90.00
_cell.angle_beta   90.00
_cell.angle_gamma   90.00
#
_symmetry.space_group_name_H-M   'P 2 21 21'
#
loop_
_entity.id
_entity.type
_entity.pdbx_description
1 polymer 'DNA polymerase alpha-binding protein'
2 polymer MET-ASP-ILE-UA1-ILE-ASP-ASP-ILE-LEU-UA2-GLU-LEU-ASP-LYS-GLU
3 non-polymer GLYCEROL
4 water water
#
loop_
_entity_poly.entity_id
_entity_poly.type
_entity_poly.pdbx_seq_one_letter_code
_entity_poly.pdbx_strand_id
1 'polypeptide(L)'
;MGSSHHHHHHSQDPENLYFQGSTGKFRYMPFSPAGTPFGFTDRRYLTMNEVGYVSTVKNSEQYSITVSFFDVGRFREYHF
EDLFGYDLCFLNEKGTLFGQSKTGQIQYRPHDSIHSNWTKIIPLQAGERITSVAATPVRVIVGTSLGYFRSFNQFGVPFA
VEKTSPIVALTAQNYRVFSVHYSQFHGLSYSLSELGTSSKRYYKRECPLPMSLPNINSDMKKDANLDYYNFNPMGIKSLF
FSSYGDPCIFGSDNTLLLLSKWRSPEESKWLPILDSNMEIWKMSGGKETTDIHVWPLALAYDTLNCILVKGKHIWPEFPL
PLPSEMEIRMPVFVKSKLLEENKAILNKKNEIGADTEAEEGEEDKEIQIPVSMAAEEEYLRSKVLSELLTDTLENDGEMY
GNENEVLAALNGAYDKALLRLFASACSDQNVEKALSLAHELKQDRALTAAVKISERAELPSLVKKINNIREARYEQQLK
;
A,B,C
2 'polypeptide(L)' MDI(9FZ)IDDIL(9G2)ELDKETTAV D,E
#
# COMPACT_ATOMS: atom_id res chain seq x y z
N PHE A 26 16.50 0.12 11.61
CA PHE A 26 15.93 1.43 11.34
C PHE A 26 15.19 1.97 12.56
N ARG A 27 15.39 3.26 12.84
CA ARG A 27 14.79 3.90 14.01
C ARG A 27 13.66 4.81 13.57
N TYR A 28 12.50 4.66 14.19
CA TYR A 28 11.32 5.47 13.89
C TYR A 28 11.38 6.77 14.67
N MET A 29 11.35 7.91 13.95
CA MET A 29 11.40 9.21 14.60
C MET A 29 9.99 9.81 14.68
N PRO A 30 9.72 10.60 15.72
CA PRO A 30 8.40 11.22 15.85
C PRO A 30 8.15 12.23 14.73
N PHE A 31 7.04 12.04 14.03
CA PHE A 31 6.69 12.85 12.87
C PHE A 31 5.53 13.78 13.19
N SER A 32 5.60 14.99 12.66
CA SER A 32 4.50 15.94 12.70
C SER A 32 4.56 16.75 11.41
N PRO A 33 3.41 17.14 10.86
CA PRO A 33 3.43 17.90 9.60
C PRO A 33 4.18 19.21 9.74
N ALA A 34 5.16 19.41 8.86
CA ALA A 34 5.94 20.66 8.76
C ALA A 34 6.72 20.98 10.02
N GLY A 35 7.01 19.98 10.86
CA GLY A 35 7.83 20.22 12.03
C GLY A 35 9.30 20.41 11.66
N THR A 36 10.01 21.13 12.52
CA THR A 36 11.40 21.47 12.33
C THR A 36 12.24 20.91 13.48
N PRO A 37 13.54 20.70 13.27
CA PRO A 37 14.42 20.25 14.35
C PRO A 37 14.95 21.41 15.18
N PHE A 38 15.44 21.08 16.37
CA PHE A 38 16.07 22.08 17.22
C PHE A 38 17.29 22.70 16.55
N GLY A 39 18.14 21.88 15.93
CA GLY A 39 19.38 22.39 15.39
C GLY A 39 20.31 22.82 16.52
N PHE A 40 20.86 24.03 16.41
CA PHE A 40 21.72 24.59 17.44
C PHE A 40 20.98 25.51 18.39
N THR A 41 19.66 25.54 18.35
CA THR A 41 18.87 26.39 19.23
C THR A 41 18.11 25.54 20.24
N ASP A 42 17.37 26.22 21.10
CA ASP A 42 16.55 25.59 22.12
C ASP A 42 15.07 25.62 21.75
N ARG A 43 14.75 25.95 20.51
CA ARG A 43 13.38 26.06 20.07
C ARG A 43 13.23 25.47 18.67
N ARG A 44 12.01 25.06 18.36
CA ARG A 44 11.66 24.49 17.08
C ARG A 44 10.15 24.54 16.93
N TYR A 45 9.68 24.22 15.74
CA TYR A 45 8.24 24.15 15.48
C TYR A 45 7.78 22.70 15.58
N LEU A 46 6.79 22.46 16.43
CA LEU A 46 6.22 21.12 16.54
C LEU A 46 5.45 20.76 15.28
N THR A 47 4.54 21.63 14.86
CA THR A 47 3.78 21.40 13.63
C THR A 47 3.37 22.75 13.06
N MET A 48 2.76 22.71 11.88
CA MET A 48 2.55 23.92 11.09
C MET A 48 1.66 23.62 9.89
N ASN A 49 0.59 24.40 9.70
CA ASN A 49 -0.25 24.25 8.52
C ASN A 49 -0.96 25.57 8.27
N GLU A 50 -2.07 25.53 7.53
CA GLU A 50 -2.78 26.76 7.17
C GLU A 50 -3.48 27.40 8.36
N VAL A 51 -3.75 26.63 9.42
CA VAL A 51 -4.38 27.21 10.60
C VAL A 51 -3.38 28.05 11.40
N GLY A 52 -2.17 27.53 11.59
CA GLY A 52 -1.18 28.25 12.38
C GLY A 52 0.06 27.41 12.58
N TYR A 53 0.77 27.70 13.67
CA TYR A 53 2.03 27.02 13.95
C TYR A 53 2.18 26.86 15.45
N VAL A 54 2.79 25.74 15.85
CA VAL A 54 3.02 25.41 17.25
C VAL A 54 4.52 25.28 17.45
N SER A 55 5.06 26.04 18.40
CA SER A 55 6.48 26.05 18.69
C SER A 55 6.72 25.59 20.13
N THR A 56 7.92 25.08 20.38
CA THR A 56 8.34 24.68 21.72
C THR A 56 9.73 25.22 21.99
N VAL A 57 9.95 25.68 23.23
CA VAL A 57 11.21 26.26 23.64
C VAL A 57 11.68 25.55 24.90
N LYS A 58 12.96 25.16 24.93
CA LYS A 58 13.55 24.59 26.14
C LYS A 58 13.83 25.70 27.14
N ASN A 59 13.28 25.57 28.34
CA ASN A 59 13.73 26.37 29.47
C ASN A 59 13.91 25.47 30.67
N SER A 60 14.83 25.86 31.56
CA SER A 60 15.21 25.07 32.73
C SER A 60 15.23 23.58 32.40
N GLU A 61 14.27 22.85 32.94
CA GLU A 61 14.13 21.42 32.68
C GLU A 61 12.89 21.05 31.89
N GLN A 62 11.98 22.01 31.65
CA GLN A 62 10.73 21.72 30.98
C GLN A 62 10.67 22.45 29.63
N TYR A 63 9.46 22.70 29.14
CA TYR A 63 9.26 23.30 27.84
C TYR A 63 8.13 24.32 27.90
N SER A 64 8.23 25.33 27.04
CA SER A 64 7.19 26.35 26.86
C SER A 64 6.64 26.22 25.44
N ILE A 65 5.38 25.82 25.33
CA ILE A 65 4.74 25.61 24.04
C ILE A 65 3.88 26.82 23.69
N THR A 66 3.96 27.28 22.44
CA THR A 66 3.18 28.40 21.95
C THR A 66 2.33 27.94 20.77
N VAL A 67 1.04 28.23 20.82
CA VAL A 67 0.10 27.93 19.76
C VAL A 67 -0.32 29.25 19.12
N SER A 68 0.12 29.48 17.89
CA SER A 68 -0.16 30.72 17.18
C SER A 68 -1.06 30.45 15.97
N PHE A 69 -1.79 31.49 15.56
CA PHE A 69 -2.77 31.38 14.49
C PHE A 69 -2.49 32.41 13.41
N PHE A 70 -2.77 32.05 12.16
CA PHE A 70 -2.60 32.98 11.05
C PHE A 70 -3.79 33.93 10.91
N ASP A 71 -4.99 33.48 11.27
CA ASP A 71 -6.16 34.34 11.34
C ASP A 71 -6.23 34.84 12.78
N VAL A 72 -5.60 35.99 13.04
CA VAL A 72 -5.48 36.50 14.40
C VAL A 72 -6.85 36.86 14.99
N GLY A 73 -7.78 37.28 14.14
CA GLY A 73 -9.10 37.65 14.64
C GLY A 73 -9.95 36.49 15.11
N ARG A 74 -9.66 35.27 14.65
CA ARG A 74 -10.54 34.15 14.97
C ARG A 74 -10.16 33.46 16.27
N PHE A 75 -8.88 33.20 16.48
CA PHE A 75 -8.40 32.57 17.69
C PHE A 75 -7.27 33.40 18.30
N ARG A 76 -7.06 33.19 19.60
CA ARG A 76 -6.06 33.93 20.37
C ARG A 76 -4.84 33.06 20.64
N GLU A 77 -3.68 33.57 20.25
CA GLU A 77 -2.43 32.90 20.57
C GLU A 77 -2.31 32.71 22.08
N TYR A 78 -1.77 31.57 22.50
CA TYR A 78 -1.60 31.29 23.91
C TYR A 78 -0.35 30.46 24.12
N HIS A 79 0.05 30.33 25.38
N HIS A 79 0.06 30.35 25.39
CA HIS A 79 1.23 29.56 25.74
CA HIS A 79 1.22 29.59 25.80
C HIS A 79 0.94 28.78 27.02
C HIS A 79 0.83 28.70 26.97
N PHE A 80 1.63 27.65 27.18
CA PHE A 80 1.49 26.84 28.38
C PHE A 80 2.80 26.10 28.62
N GLU A 81 3.01 25.72 29.88
CA GLU A 81 4.22 25.04 30.29
C GLU A 81 4.07 23.53 30.10
N ASP A 82 5.02 22.93 29.40
CA ASP A 82 4.99 21.51 29.07
C ASP A 82 5.94 20.78 30.02
N LEU A 83 5.36 20.05 30.98
CA LEU A 83 6.13 19.28 31.93
C LEU A 83 6.48 17.88 31.44
N PHE A 84 6.05 17.52 30.22
CA PHE A 84 6.23 16.18 29.71
C PHE A 84 7.20 16.09 28.52
N GLY A 85 7.39 17.18 27.78
CA GLY A 85 8.27 17.14 26.63
C GLY A 85 7.59 16.61 25.39
N TYR A 86 6.47 17.22 25.01
CA TYR A 86 5.76 16.82 23.81
C TYR A 86 6.62 17.03 22.57
N ASP A 87 6.82 15.96 21.80
CA ASP A 87 7.55 16.03 20.55
C ASP A 87 6.68 15.73 19.34
N LEU A 88 5.40 15.45 19.54
CA LEU A 88 4.45 15.20 18.48
C LEU A 88 3.32 16.20 18.60
N CYS A 89 2.80 16.65 17.44
CA CYS A 89 1.73 17.63 17.47
C CYS A 89 0.94 17.57 16.18
N PHE A 90 -0.35 17.90 16.27
CA PHE A 90 -1.21 18.07 15.11
C PHE A 90 -2.19 19.19 15.40
N LEU A 91 -2.42 20.05 14.41
CA LEU A 91 -3.23 21.25 14.58
C LEU A 91 -4.36 21.26 13.56
N ASN A 92 -5.58 21.54 14.03
CA ASN A 92 -6.71 21.77 13.13
C ASN A 92 -7.47 23.02 13.54
N GLU A 93 -8.62 23.26 12.92
CA GLU A 93 -9.38 24.48 13.17
C GLU A 93 -10.12 24.48 14.50
N LYS A 94 -10.22 23.34 15.18
CA LYS A 94 -10.96 23.26 16.43
C LYS A 94 -10.11 22.98 17.65
N GLY A 95 -8.90 22.43 17.47
CA GLY A 95 -8.08 22.12 18.62
C GLY A 95 -6.69 21.74 18.20
N THR A 96 -5.85 21.46 19.20
CA THR A 96 -4.47 21.05 19.00
C THR A 96 -4.23 19.77 19.78
N LEU A 97 -3.57 18.81 19.15
CA LEU A 97 -3.26 17.52 19.75
C LEU A 97 -1.77 17.42 20.00
N PHE A 98 -1.39 17.02 21.21
CA PHE A 98 0.01 16.86 21.59
C PHE A 98 0.28 15.42 21.97
N GLY A 99 1.51 14.98 21.73
CA GLY A 99 1.91 13.62 22.06
C GLY A 99 3.33 13.56 22.54
N GLN A 100 3.60 12.56 23.38
CA GLN A 100 4.94 12.29 23.90
C GLN A 100 5.36 10.91 23.40
N SER A 101 6.38 10.88 22.52
CA SER A 101 6.67 9.67 21.77
C SER A 101 7.15 8.53 22.66
N LYS A 102 7.84 8.82 23.75
CA LYS A 102 8.41 7.75 24.57
C LYS A 102 7.48 7.34 25.71
N THR A 103 6.80 8.29 26.35
CA THR A 103 5.92 7.95 27.47
C THR A 103 4.51 7.57 27.03
N GLY A 104 4.09 7.98 25.85
CA GLY A 104 2.75 7.65 25.38
C GLY A 104 1.65 8.60 25.81
N GLN A 105 1.98 9.70 26.47
CA GLN A 105 0.96 10.64 26.92
C GLN A 105 0.53 11.55 25.77
N ILE A 106 -0.78 11.76 25.65
CA ILE A 106 -1.33 12.68 24.67
C ILE A 106 -2.26 13.66 25.38
N GLN A 107 -2.40 14.85 24.79
CA GLN A 107 -3.33 15.85 25.29
C GLN A 107 -4.00 16.54 24.11
N TYR A 108 -5.32 16.68 24.19
CA TYR A 108 -6.09 17.44 23.22
C TYR A 108 -6.58 18.73 23.87
N ARG A 109 -6.27 19.86 23.24
CA ARG A 109 -6.67 21.17 23.75
C ARG A 109 -7.54 21.87 22.71
N PRO A 110 -8.85 21.94 22.93
CA PRO A 110 -9.70 22.72 22.02
C PRO A 110 -9.31 24.19 22.04
N HIS A 111 -9.47 24.85 20.89
CA HIS A 111 -9.18 26.27 20.80
C HIS A 111 -10.13 27.08 21.67
N ASP A 112 -11.42 26.77 21.63
CA ASP A 112 -12.38 27.47 22.47
C ASP A 112 -12.35 26.89 23.88
N SER A 113 -12.45 27.78 24.88
CA SER A 113 -12.43 27.33 26.26
C SER A 113 -13.74 26.72 26.70
N ILE A 114 -14.77 26.76 25.85
CA ILE A 114 -16.04 26.11 26.15
C ILE A 114 -15.80 24.61 26.40
N HIS A 115 -15.04 23.98 25.51
CA HIS A 115 -14.73 22.57 25.64
C HIS A 115 -13.45 22.41 26.46
N SER A 116 -13.40 21.37 27.27
CA SER A 116 -12.29 21.17 28.19
C SER A 116 -11.19 20.33 27.56
N ASN A 117 -9.96 20.54 28.04
CA ASN A 117 -8.85 19.70 27.66
C ASN A 117 -9.01 18.30 28.26
N TRP A 118 -8.33 17.33 27.66
CA TRP A 118 -8.27 16.00 28.24
C TRP A 118 -6.93 15.37 27.96
N THR A 119 -6.53 14.46 28.84
CA THR A 119 -5.24 13.79 28.76
C THR A 119 -5.44 12.28 28.81
N LYS A 120 -4.59 11.56 28.09
CA LYS A 120 -4.62 10.11 28.06
C LYS A 120 -3.19 9.60 27.88
N ILE A 121 -2.92 8.44 28.46
CA ILE A 121 -1.62 7.78 28.31
C ILE A 121 -1.83 6.53 27.44
N ILE A 122 -1.14 6.49 26.31
CA ILE A 122 -1.24 5.34 25.40
C ILE A 122 -0.30 4.24 25.90
N PRO A 123 -0.77 3.00 26.02
CA PRO A 123 0.13 1.91 26.39
C PRO A 123 1.19 1.68 25.31
N LEU A 124 2.44 1.51 25.73
CA LEU A 124 3.55 1.28 24.82
C LEU A 124 4.34 0.06 25.29
N GLN A 125 4.56 -0.88 24.39
CA GLN A 125 5.40 -2.03 24.68
C GLN A 125 6.87 -1.61 24.69
N ALA A 126 7.74 -2.56 25.00
CA ALA A 126 9.18 -2.30 25.04
C ALA A 126 9.69 -1.86 23.66
N GLY A 127 10.32 -0.69 23.62
CA GLY A 127 10.83 -0.15 22.38
C GLY A 127 9.79 0.47 21.47
N GLU A 128 8.52 0.42 21.83
CA GLU A 128 7.47 1.00 21.00
C GLU A 128 7.35 2.49 21.26
N ARG A 129 7.29 3.27 20.20
CA ARG A 129 7.15 4.72 20.28
C ARG A 129 5.92 5.15 19.50
N ILE A 130 5.33 6.27 19.92
CA ILE A 130 4.33 6.94 19.10
C ILE A 130 5.06 7.69 18.00
N THR A 131 4.69 7.42 16.75
CA THR A 131 5.38 7.99 15.60
C THR A 131 4.63 9.14 14.95
N SER A 132 3.31 9.24 15.17
CA SER A 132 2.51 10.26 14.52
C SER A 132 1.15 10.31 15.20
N VAL A 133 0.60 11.53 15.31
CA VAL A 133 -0.74 11.74 15.82
C VAL A 133 -1.48 12.66 14.85
N ALA A 134 -2.80 12.58 14.88
CA ALA A 134 -3.65 13.43 14.05
C ALA A 134 -4.99 13.61 14.73
N ALA A 135 -5.67 14.70 14.38
CA ALA A 135 -6.96 15.01 14.98
C ALA A 135 -7.81 15.79 13.99
N THR A 136 -9.11 15.51 14.01
CA THR A 136 -10.13 16.27 13.31
C THR A 136 -11.13 16.71 14.38
N PRO A 137 -12.13 17.52 14.06
CA PRO A 137 -13.16 17.83 15.05
C PRO A 137 -13.90 16.61 15.61
N VAL A 138 -13.74 15.43 15.02
CA VAL A 138 -14.53 14.27 15.43
C VAL A 138 -13.66 13.06 15.75
N ARG A 139 -12.37 13.11 15.42
CA ARG A 139 -11.51 11.95 15.58
C ARG A 139 -10.12 12.34 16.07
N VAL A 140 -9.53 11.47 16.88
CA VAL A 140 -8.15 11.57 17.34
C VAL A 140 -7.45 10.25 17.03
N ILE A 141 -6.32 10.32 16.34
CA ILE A 141 -5.62 9.15 15.84
C ILE A 141 -4.20 9.12 16.38
N VAL A 142 -3.75 7.94 16.80
CA VAL A 142 -2.38 7.72 17.28
C VAL A 142 -1.82 6.49 16.58
N GLY A 143 -0.65 6.64 15.97
CA GLY A 143 0.05 5.53 15.34
C GLY A 143 1.40 5.31 15.99
N THR A 144 1.82 4.04 16.03
CA THR A 144 3.03 3.65 16.72
C THR A 144 4.00 2.93 15.78
N SER A 145 5.24 2.78 16.26
CA SER A 145 6.29 2.12 15.51
C SER A 145 6.05 0.61 15.36
N LEU A 146 5.18 0.04 16.19
CA LEU A 146 4.81 -1.36 16.05
C LEU A 146 3.57 -1.55 15.19
N GLY A 147 3.00 -0.48 14.68
CA GLY A 147 1.82 -0.58 13.84
C GLY A 147 0.50 -0.53 14.58
N TYR A 148 0.49 -0.07 15.82
CA TYR A 148 -0.76 0.08 16.55
C TYR A 148 -1.47 1.35 16.10
N PHE A 149 -2.74 1.19 15.74
CA PHE A 149 -3.57 2.27 15.21
C PHE A 149 -4.71 2.46 16.22
N ARG A 150 -4.62 3.52 17.02
CA ARG A 150 -5.58 3.78 18.08
C ARG A 150 -6.38 5.02 17.72
N SER A 151 -7.71 4.89 17.75
CA SER A 151 -8.60 5.96 17.37
C SER A 151 -9.53 6.30 18.53
N PHE A 152 -9.91 7.58 18.59
CA PHE A 152 -10.78 8.11 19.65
C PHE A 152 -11.71 9.13 19.02
N ASN A 153 -12.74 9.51 19.77
CA ASN A 153 -13.51 10.67 19.39
C ASN A 153 -12.83 11.92 19.96
N GLN A 154 -13.41 13.08 19.72
CA GLN A 154 -12.76 14.33 20.15
C GLN A 154 -12.72 14.48 21.65
N PHE A 155 -13.41 13.62 22.41
CA PHE A 155 -13.45 13.71 23.86
C PHE A 155 -12.59 12.65 24.55
N GLY A 156 -11.93 11.79 23.78
CA GLY A 156 -11.06 10.78 24.35
C GLY A 156 -11.66 9.40 24.51
N VAL A 157 -12.88 9.18 24.03
CA VAL A 157 -13.52 7.87 24.11
C VAL A 157 -12.89 6.96 23.06
N PRO A 158 -12.29 5.84 23.46
CA PRO A 158 -11.65 4.97 22.46
C PRO A 158 -12.71 4.23 21.64
N PHE A 159 -12.41 4.07 20.35
CA PHE A 159 -13.32 3.36 19.44
C PHE A 159 -12.79 2.01 19.02
N ALA A 160 -11.53 1.91 18.62
CA ALA A 160 -10.97 0.63 18.21
C ALA A 160 -9.44 0.69 18.22
N VAL A 161 -8.82 -0.41 18.63
CA VAL A 161 -7.38 -0.59 18.52
C VAL A 161 -7.12 -1.55 17.36
N GLU A 162 -6.35 -1.11 16.38
CA GLU A 162 -6.05 -1.91 15.20
C GLU A 162 -4.55 -2.12 15.08
N LYS A 163 -4.17 -3.28 14.54
CA LYS A 163 -2.78 -3.64 14.29
C LYS A 163 -2.54 -3.59 12.79
N THR A 164 -1.62 -2.71 12.37
CA THR A 164 -1.25 -2.60 10.96
C THR A 164 0.26 -2.69 10.79
N SER A 165 0.76 -2.37 9.61
CA SER A 165 2.19 -2.20 9.41
C SER A 165 2.68 -0.99 10.22
N PRO A 166 3.96 -0.95 10.55
CA PRO A 166 4.50 0.21 11.29
C PRO A 166 4.16 1.52 10.61
N ILE A 167 3.66 2.46 11.41
CA ILE A 167 3.20 3.77 10.94
C ILE A 167 4.32 4.77 11.09
N VAL A 168 4.54 5.60 10.06
CA VAL A 168 5.53 6.66 10.14
C VAL A 168 4.93 8.05 10.04
N ALA A 169 3.74 8.21 9.45
CA ALA A 169 3.13 9.54 9.33
C ALA A 169 1.62 9.38 9.21
N LEU A 170 0.90 10.33 9.81
CA LEU A 170 -0.57 10.34 9.79
C LEU A 170 -1.08 11.74 9.47
N THR A 171 -2.18 11.79 8.74
CA THR A 171 -2.98 13.00 8.63
C THR A 171 -4.45 12.60 8.54
N ALA A 172 -5.34 13.55 8.79
CA ALA A 172 -6.75 13.24 8.85
C ALA A 172 -7.57 14.46 8.48
N GLN A 173 -8.79 14.20 8.03
CA GLN A 173 -9.74 15.25 7.68
C GLN A 173 -11.13 14.69 7.87
N ASN A 174 -11.91 15.28 8.79
CA ASN A 174 -13.21 14.77 9.19
C ASN A 174 -13.11 13.34 9.69
N TYR A 175 -13.65 12.38 8.93
CA TYR A 175 -13.62 10.98 9.32
C TYR A 175 -12.59 10.15 8.56
N ARG A 176 -11.82 10.77 7.68
CA ARG A 176 -10.89 10.02 6.84
C ARG A 176 -9.46 10.19 7.33
N VAL A 177 -8.68 9.12 7.17
CA VAL A 177 -7.30 9.04 7.66
C VAL A 177 -6.40 8.63 6.51
N PHE A 178 -5.28 9.32 6.37
CA PHE A 178 -4.24 9.00 5.39
C PHE A 178 -2.98 8.64 6.17
N SER A 179 -2.59 7.37 6.10
CA SER A 179 -1.47 6.84 6.89
C SER A 179 -0.35 6.37 5.96
N VAL A 180 0.89 6.64 6.37
CA VAL A 180 2.08 6.19 5.65
C VAL A 180 2.77 5.11 6.49
N HIS A 181 3.11 3.99 5.85
CA HIS A 181 3.69 2.84 6.55
C HIS A 181 5.07 2.52 5.99
N TYR A 182 5.90 1.89 6.82
CA TYR A 182 7.23 1.46 6.42
C TYR A 182 7.58 0.11 7.02
N SER A 183 8.01 -0.83 6.18
CA SER A 183 8.64 -2.07 6.59
C SER A 183 9.94 -2.24 5.81
N GLN A 184 10.73 -3.24 6.18
CA GLN A 184 11.94 -3.55 5.43
C GLN A 184 11.65 -4.24 4.10
N PHE A 185 10.41 -4.65 3.87
CA PHE A 185 10.08 -5.42 2.68
C PHE A 185 9.62 -4.53 1.53
N HIS A 186 8.62 -3.68 1.76
CA HIS A 186 8.00 -2.95 0.67
C HIS A 186 8.54 -1.53 0.53
N GLY A 187 9.23 -1.02 1.55
CA GLY A 187 9.61 0.38 1.55
C GLY A 187 8.46 1.18 2.12
N LEU A 188 8.08 2.23 1.42
CA LEU A 188 6.97 3.08 1.86
C LEU A 188 5.67 2.63 1.21
N SER A 189 4.62 2.52 2.00
CA SER A 189 3.27 2.30 1.52
C SER A 189 2.33 3.26 2.23
N TYR A 190 1.09 3.31 1.75
CA TYR A 190 0.09 4.18 2.34
C TYR A 190 -1.25 3.48 2.40
N SER A 191 -2.06 3.87 3.37
CA SER A 191 -3.43 3.42 3.48
C SER A 191 -4.35 4.63 3.53
N LEU A 192 -5.57 4.45 3.01
CA LEU A 192 -6.59 5.48 3.00
C LEU A 192 -7.88 4.87 3.51
N SER A 193 -8.41 5.41 4.61
CA SER A 193 -9.52 4.79 5.29
C SER A 193 -10.49 5.86 5.78
N GLU A 194 -11.69 5.41 6.15
CA GLU A 194 -12.71 6.28 6.72
C GLU A 194 -13.21 5.68 8.03
N LEU A 195 -13.20 6.47 9.09
CA LEU A 195 -13.66 6.02 10.40
C LEU A 195 -15.09 6.52 10.63
N GLY A 196 -16.04 5.88 9.96
CA GLY A 196 -17.42 6.27 10.08
C GLY A 196 -17.99 5.92 11.45
N THR A 197 -19.28 6.23 11.61
CA THR A 197 -19.96 5.91 12.86
C THR A 197 -20.11 4.41 13.07
N SER A 198 -19.75 3.59 12.09
CA SER A 198 -19.85 2.14 12.19
C SER A 198 -18.48 1.52 12.34
N SER A 199 -17.98 0.92 11.27
CA SER A 199 -16.69 0.24 11.24
C SER A 199 -15.72 1.03 10.36
N LYS A 200 -14.44 0.68 10.47
CA LYS A 200 -13.41 1.32 9.67
C LYS A 200 -13.33 0.65 8.30
N ARG A 201 -13.45 1.46 7.25
CA ARG A 201 -13.44 0.99 5.87
C ARG A 201 -12.21 1.53 5.15
N TYR A 202 -11.56 0.67 4.38
CA TYR A 202 -10.37 1.03 3.62
C TYR A 202 -10.74 1.35 2.18
N TYR A 203 -10.33 2.54 1.72
CA TYR A 203 -10.36 2.81 0.29
C TYR A 203 -9.12 2.23 -0.38
N LYS A 204 -7.98 2.36 0.27
CA LYS A 204 -6.69 1.84 -0.20
C LYS A 204 -5.96 1.25 0.99
N ARG A 205 -5.45 0.04 0.83
CA ARG A 205 -4.80 -0.68 1.92
C ARG A 205 -3.35 -0.99 1.52
N GLU A 206 -2.42 -0.22 2.07
CA GLU A 206 -0.97 -0.46 1.92
C GLU A 206 -0.56 -0.60 0.45
N CYS A 207 -0.90 0.42 -0.32
CA CYS A 207 -0.48 0.54 -1.71
C CYS A 207 0.88 1.23 -1.81
N PRO A 208 1.59 1.05 -2.93
CA PRO A 208 2.91 1.68 -3.06
C PRO A 208 2.84 3.20 -3.00
N LEU A 209 3.77 3.79 -2.25
CA LEU A 209 3.89 5.24 -2.16
C LEU A 209 5.11 5.69 -2.96
N PRO A 210 4.93 6.21 -4.17
CA PRO A 210 6.09 6.54 -5.02
C PRO A 210 6.73 7.87 -4.67
N MET A 211 6.94 8.14 -3.38
CA MET A 211 7.63 9.34 -2.95
C MET A 211 9.12 9.03 -2.83
N SER A 212 9.96 9.88 -3.43
CA SER A 212 11.39 9.65 -3.42
C SER A 212 11.94 9.81 -2.00
N LEU A 213 12.74 8.85 -1.58
CA LEU A 213 13.41 8.92 -0.30
C LEU A 213 14.67 9.78 -0.41
N PRO A 214 15.14 10.33 0.71
CA PRO A 214 16.36 11.15 0.66
C PRO A 214 17.56 10.33 0.23
N ASN A 215 18.34 10.88 -0.70
CA ASN A 215 19.54 10.21 -1.19
C ASN A 215 20.79 11.00 -0.84
N ASP A 223 23.50 17.94 2.78
CA ASP A 223 24.78 17.93 3.46
C ASP A 223 24.78 18.91 4.62
N ALA A 224 24.57 20.19 4.32
CA ALA A 224 24.41 21.20 5.38
C ALA A 224 23.12 20.99 6.16
N ASN A 225 22.18 20.22 5.62
CA ASN A 225 20.88 19.95 6.25
C ASN A 225 20.82 18.56 6.86
N LEU A 226 21.96 18.00 7.25
CA LEU A 226 21.99 16.66 7.85
C LEU A 226 21.17 16.60 9.12
N ASP A 227 21.08 17.71 9.87
CA ASP A 227 20.29 17.70 11.09
C ASP A 227 18.82 17.41 10.80
N TYR A 228 18.32 17.82 9.63
CA TYR A 228 16.92 17.59 9.32
C TYR A 228 16.63 16.11 9.08
N TYR A 229 17.51 15.43 8.33
CA TYR A 229 17.25 14.04 8.00
C TYR A 229 17.51 13.09 9.17
N ASN A 230 18.31 13.50 10.15
CA ASN A 230 18.31 12.77 11.40
C ASN A 230 17.00 12.97 12.16
N PHE A 231 16.40 14.15 12.00
CA PHE A 231 15.12 14.47 12.63
C PHE A 231 13.96 13.85 11.87
N ASN A 232 14.05 13.77 10.55
CA ASN A 232 12.99 13.24 9.71
C ASN A 232 13.64 12.36 8.64
N PRO A 233 13.89 11.09 8.95
CA PRO A 233 14.63 10.24 7.99
C PRO A 233 13.90 10.01 6.68
N MET A 234 12.57 9.92 6.70
CA MET A 234 11.83 9.68 5.46
C MET A 234 11.78 10.92 4.57
N GLY A 235 12.10 12.10 5.11
CA GLY A 235 12.08 13.31 4.32
C GLY A 235 10.70 13.85 4.03
N ILE A 236 9.66 13.34 4.68
CA ILE A 236 8.31 13.84 4.50
C ILE A 236 8.18 15.19 5.18
N LYS A 237 8.31 16.27 4.40
CA LYS A 237 8.21 17.60 4.98
C LYS A 237 6.80 17.87 5.50
N SER A 238 5.78 17.46 4.75
CA SER A 238 4.41 17.50 5.24
C SER A 238 3.53 16.61 4.38
N LEU A 239 2.36 16.28 4.92
CA LEU A 239 1.32 15.58 4.19
C LEU A 239 -0.01 16.06 4.73
N PHE A 240 -1.03 16.07 3.88
CA PHE A 240 -2.32 16.61 4.26
C PHE A 240 -3.35 16.24 3.20
N PHE A 241 -4.61 16.31 3.59
CA PHE A 241 -5.69 16.32 2.63
C PHE A 241 -5.81 17.72 2.04
N SER A 242 -6.12 17.79 0.75
CA SER A 242 -6.38 19.09 0.16
C SER A 242 -7.70 19.65 0.71
N SER A 243 -7.96 20.92 0.40
CA SER A 243 -9.21 21.52 0.83
C SER A 243 -10.41 20.82 0.22
N TYR A 244 -10.23 20.12 -0.89
CA TYR A 244 -11.30 19.36 -1.53
C TYR A 244 -11.25 17.87 -1.21
N GLY A 245 -10.37 17.46 -0.31
CA GLY A 245 -10.36 16.09 0.18
C GLY A 245 -9.41 15.14 -0.52
N ASP A 246 -8.42 15.65 -1.26
CA ASP A 246 -7.53 14.68 -1.90
C ASP A 246 -6.21 14.59 -1.13
N PRO A 247 -5.71 13.38 -0.90
CA PRO A 247 -4.46 13.24 -0.15
C PRO A 247 -3.26 13.80 -0.90
N CYS A 248 -2.39 14.49 -0.16
CA CYS A 248 -1.17 15.08 -0.71
C CYS A 248 0.03 14.76 0.18
N ILE A 249 1.21 14.72 -0.43
CA ILE A 249 2.46 14.50 0.29
C ILE A 249 3.56 15.32 -0.37
N PHE A 250 4.54 15.73 0.44
CA PHE A 250 5.59 16.66 0.02
C PHE A 250 6.90 16.15 0.61
N GLY A 251 7.73 15.51 -0.22
CA GLY A 251 8.94 14.87 0.23
C GLY A 251 10.19 15.71 0.03
N SER A 252 11.34 15.05 0.18
CA SER A 252 12.63 15.73 0.11
C SER A 252 12.93 16.28 -1.27
N ASP A 253 12.31 15.74 -2.32
CA ASP A 253 12.49 16.28 -3.66
C ASP A 253 11.68 17.55 -3.88
N ASN A 254 10.95 18.01 -2.86
CA ASN A 254 10.21 19.28 -2.92
C ASN A 254 9.16 19.27 -4.03
N THR A 255 8.59 18.10 -4.30
CA THR A 255 7.53 17.95 -5.30
C THR A 255 6.23 17.59 -4.60
N LEU A 256 5.17 18.34 -4.89
CA LEU A 256 3.86 18.06 -4.32
C LEU A 256 3.21 16.93 -5.10
N LEU A 257 2.94 15.82 -4.42
CA LEU A 257 2.27 14.66 -5.01
C LEU A 257 0.83 14.60 -4.52
N LEU A 258 -0.10 14.48 -5.45
CA LEU A 258 -1.52 14.39 -5.14
C LEU A 258 -2.04 13.04 -5.60
N LEU A 259 -2.83 12.39 -4.76
CA LEU A 259 -3.40 11.08 -5.08
C LEU A 259 -4.72 11.28 -5.82
N SER A 260 -4.76 10.88 -7.08
CA SER A 260 -5.93 11.00 -7.92
C SER A 260 -6.67 9.66 -8.00
N LYS A 261 -7.99 9.75 -8.21
CA LYS A 261 -8.83 8.57 -8.43
C LYS A 261 -8.77 7.58 -7.28
N TRP A 262 -8.61 8.07 -6.05
CA TRP A 262 -8.47 7.18 -4.90
C TRP A 262 -9.76 6.47 -4.53
N ARG A 263 -10.91 6.88 -5.07
CA ARG A 263 -12.15 6.17 -4.81
C ARG A 263 -12.30 4.90 -5.64
N SER A 264 -11.51 4.75 -6.70
CA SER A 264 -11.47 3.52 -7.48
C SER A 264 -10.11 2.86 -7.29
N PRO A 265 -10.04 1.75 -6.55
CA PRO A 265 -8.72 1.18 -6.21
C PRO A 265 -7.85 0.85 -7.42
N GLU A 266 -8.46 0.48 -8.55
CA GLU A 266 -7.71 0.11 -9.74
C GLU A 266 -7.27 1.30 -10.58
N GLU A 267 -7.78 2.49 -10.30
CA GLU A 267 -7.49 3.69 -11.07
C GLU A 267 -6.65 4.71 -10.33
N SER A 268 -6.36 4.48 -9.05
CA SER A 268 -5.64 5.47 -8.25
C SER A 268 -4.21 5.62 -8.74
N LYS A 269 -3.75 6.86 -8.82
CA LYS A 269 -2.39 7.16 -9.25
C LYS A 269 -1.93 8.45 -8.59
N TRP A 270 -0.62 8.55 -8.34
CA TRP A 270 -0.02 9.74 -7.77
C TRP A 270 0.43 10.68 -8.87
N LEU A 271 0.01 11.94 -8.78
CA LEU A 271 0.27 12.95 -9.80
C LEU A 271 1.23 14.00 -9.26
N PRO A 272 2.38 14.22 -9.89
CA PRO A 272 3.21 15.37 -9.52
C PRO A 272 2.62 16.67 -10.04
N ILE A 273 2.09 17.51 -9.15
CA ILE A 273 1.37 18.71 -9.57
C ILE A 273 2.14 19.99 -9.27
N LEU A 274 3.33 19.89 -8.67
CA LEU A 274 4.12 21.09 -8.38
C LEU A 274 5.56 20.72 -8.13
N ASP A 275 6.46 21.17 -9.00
CA ASP A 275 7.90 21.09 -8.79
C ASP A 275 8.33 22.43 -8.22
N SER A 276 8.39 22.52 -6.89
CA SER A 276 8.68 23.80 -6.24
C SER A 276 10.10 24.27 -6.52
N ASN A 277 11.03 23.34 -6.77
CA ASN A 277 12.37 23.73 -7.18
C ASN A 277 12.34 24.49 -8.49
N MET A 278 11.47 24.06 -9.42
CA MET A 278 11.35 24.74 -10.70
C MET A 278 10.70 26.11 -10.56
N GLU A 279 9.72 26.22 -9.64
CA GLU A 279 9.05 27.50 -9.44
C GLU A 279 9.98 28.52 -8.81
N ILE A 280 10.81 28.09 -7.84
CA ILE A 280 11.82 28.97 -7.28
C ILE A 280 12.81 29.39 -8.36
N TRP A 281 13.15 28.47 -9.26
CA TRP A 281 14.04 28.80 -10.38
C TRP A 281 13.42 29.85 -11.28
N LYS A 282 12.14 29.70 -11.60
CA LYS A 282 11.47 30.69 -12.44
C LYS A 282 11.29 32.02 -11.73
N MET A 283 11.07 31.99 -10.41
CA MET A 283 10.94 33.23 -9.65
C MET A 283 12.25 34.00 -9.61
N SER A 284 13.39 33.29 -9.56
CA SER A 284 14.70 33.90 -9.51
C SER A 284 15.20 34.36 -10.89
N GLY A 285 14.31 34.49 -11.86
CA GLY A 285 14.71 34.90 -13.19
C GLY A 285 15.53 33.89 -13.95
N GLY A 286 15.33 32.60 -13.69
CA GLY A 286 16.07 31.56 -14.38
C GLY A 286 17.45 31.29 -13.85
N LYS A 287 17.72 31.61 -12.58
CA LYS A 287 19.03 31.44 -11.99
C LYS A 287 18.97 30.39 -10.88
N GLU A 288 20.00 29.54 -10.84
CA GLU A 288 20.10 28.48 -9.84
C GLU A 288 20.50 29.08 -8.51
N THR A 289 19.60 29.01 -7.53
CA THR A 289 19.83 29.52 -6.19
C THR A 289 19.84 28.37 -5.19
N THR A 290 20.52 28.60 -4.06
CA THR A 290 20.56 27.63 -2.97
C THR A 290 20.20 28.26 -1.64
N ASP A 291 19.46 29.38 -1.64
CA ASP A 291 19.09 30.08 -0.43
C ASP A 291 17.59 30.20 -0.22
N ILE A 292 16.77 29.76 -1.18
CA ILE A 292 15.32 29.84 -1.08
C ILE A 292 14.76 28.43 -1.05
N HIS A 293 13.87 28.16 -0.09
CA HIS A 293 13.29 26.84 0.08
C HIS A 293 11.80 26.98 0.37
N VAL A 294 11.05 25.92 0.06
CA VAL A 294 9.61 25.89 0.23
C VAL A 294 9.27 24.97 1.40
N TRP A 295 8.43 25.45 2.30
CA TRP A 295 7.95 24.67 3.43
C TRP A 295 6.44 24.52 3.34
N PRO A 296 5.92 23.33 3.05
CA PRO A 296 4.50 23.20 2.71
C PRO A 296 3.58 23.24 3.91
N LEU A 297 2.49 24.01 3.78
CA LEU A 297 1.46 24.10 4.81
C LEU A 297 0.17 23.41 4.41
N ALA A 298 -0.32 23.65 3.19
CA ALA A 298 -1.61 23.12 2.77
C ALA A 298 -1.74 23.32 1.25
N LEU A 299 -2.70 22.63 0.67
CA LEU A 299 -3.10 22.83 -0.72
C LEU A 299 -4.54 23.31 -0.74
N ALA A 300 -4.75 24.57 -1.12
CA ALA A 300 -6.08 25.14 -1.27
C ALA A 300 -6.43 25.13 -2.76
N TYR A 301 -7.16 24.09 -3.18
CA TYR A 301 -7.60 23.94 -4.57
C TYR A 301 -6.45 23.91 -5.56
N ASP A 302 -5.90 25.08 -5.90
CA ASP A 302 -4.87 25.19 -6.92
C ASP A 302 -3.63 25.91 -6.41
N THR A 303 -3.58 26.22 -5.12
CA THR A 303 -2.53 27.04 -4.56
C THR A 303 -1.92 26.32 -3.37
N LEU A 304 -0.60 26.23 -3.35
CA LEU A 304 0.13 25.68 -2.22
C LEU A 304 0.41 26.79 -1.21
N ASN A 305 -0.22 26.71 -0.05
N ASN A 305 -0.22 26.71 -0.05
CA ASN A 305 0.12 27.61 1.05
CA ASN A 305 0.12 27.59 1.06
C ASN A 305 1.43 27.13 1.67
C ASN A 305 1.43 27.12 1.66
N CYS A 306 2.43 28.01 1.71
CA CYS A 306 3.76 27.61 2.14
C CYS A 306 4.48 28.75 2.82
N ILE A 307 5.59 28.41 3.45
CA ILE A 307 6.55 29.38 3.97
C ILE A 307 7.75 29.39 3.05
N LEU A 308 8.13 30.57 2.58
CA LEU A 308 9.34 30.72 1.77
C LEU A 308 10.51 30.95 2.71
N VAL A 309 11.36 29.94 2.83
CA VAL A 309 12.48 29.98 3.77
C VAL A 309 13.69 30.56 3.05
N LYS A 310 14.24 31.64 3.60
CA LYS A 310 15.43 32.28 3.07
C LYS A 310 16.54 32.13 4.11
N GLY A 311 17.56 31.35 3.78
CA GLY A 311 18.64 31.11 4.70
C GLY A 311 19.40 29.85 4.32
N LYS A 312 20.34 29.49 5.20
CA LYS A 312 21.18 28.32 4.95
C LYS A 312 20.39 27.02 5.08
N HIS A 313 19.54 26.92 6.09
CA HIS A 313 18.77 25.71 6.35
C HIS A 313 17.49 25.69 5.55
N ILE A 314 17.02 24.47 5.25
CA ILE A 314 15.80 24.29 4.47
C ILE A 314 14.53 24.40 5.29
N TRP A 315 14.64 24.50 6.62
CA TRP A 315 13.45 24.63 7.45
C TRP A 315 13.32 26.05 7.99
N PRO A 316 12.11 26.52 8.27
CA PRO A 316 11.91 27.90 8.70
C PRO A 316 12.45 28.16 10.10
N GLU A 317 12.68 29.44 10.40
CA GLU A 317 13.25 29.82 11.67
C GLU A 317 12.35 30.77 12.45
N PHE A 318 12.90 31.45 13.44
CA PHE A 318 12.17 32.39 14.28
C PHE A 318 12.68 33.80 14.06
N PRO A 319 11.78 34.78 13.85
CA PRO A 319 10.34 34.60 13.81
C PRO A 319 9.87 34.00 12.48
N LEU A 320 8.67 33.45 12.46
CA LEU A 320 8.16 32.81 11.25
C LEU A 320 7.72 33.87 10.26
N PRO A 321 8.11 33.78 8.99
CA PRO A 321 7.64 34.74 7.99
C PRO A 321 6.14 34.58 7.75
N LEU A 322 5.57 35.58 7.07
CA LEU A 322 4.19 35.49 6.67
C LEU A 322 4.02 34.38 5.62
N PRO A 323 2.92 33.64 5.65
CA PRO A 323 2.73 32.57 4.67
C PRO A 323 2.64 33.14 3.26
N SER A 324 3.18 32.38 2.31
CA SER A 324 3.15 32.73 0.90
C SER A 324 2.22 31.77 0.16
N GLU A 325 1.95 32.10 -1.09
CA GLU A 325 1.13 31.27 -1.97
C GLU A 325 1.92 30.95 -3.23
N MET A 326 1.95 29.68 -3.59
CA MET A 326 2.61 29.21 -4.80
C MET A 326 1.60 28.41 -5.61
N GLU A 327 1.22 28.94 -6.77
CA GLU A 327 0.26 28.24 -7.62
C GLU A 327 0.88 26.96 -8.16
N ILE A 328 0.06 25.90 -8.24
CA ILE A 328 0.55 24.63 -8.74
C ILE A 328 0.74 24.69 -10.24
N ARG A 329 1.74 23.97 -10.73
CA ARG A 329 2.07 23.93 -12.15
C ARG A 329 2.48 22.52 -12.51
N MET A 330 1.91 22.00 -13.61
CA MET A 330 2.31 20.69 -14.08
C MET A 330 3.77 20.73 -14.52
N PRO A 331 4.57 19.71 -14.17
CA PRO A 331 6.00 19.72 -14.50
C PRO A 331 6.26 19.38 -15.97
N VAL A 332 5.96 20.36 -16.84
CA VAL A 332 6.16 20.21 -18.27
C VAL A 332 7.06 21.28 -18.86
N PHE A 333 7.51 22.25 -18.05
CA PHE A 333 8.42 23.28 -18.54
C PHE A 333 9.86 22.78 -18.51
N VAL A 334 10.61 23.13 -19.55
CA VAL A 334 12.01 22.76 -19.69
C VAL A 334 12.86 24.02 -19.53
N LYS A 335 13.90 23.94 -18.71
CA LYS A 335 14.72 25.11 -18.41
C LYS A 335 15.39 25.66 -19.68
N SER A 336 15.93 24.78 -20.52
CA SER A 336 16.64 25.22 -21.71
C SER A 336 15.72 26.02 -22.63
N LYS A 337 14.52 25.52 -22.88
CA LYS A 337 13.58 26.25 -23.72
C LYS A 337 13.12 27.55 -23.08
N LEU A 338 13.01 27.59 -21.75
CA LEU A 338 12.60 28.82 -21.07
C LEU A 338 13.69 29.89 -21.14
N LEU A 339 14.96 29.47 -21.13
CA LEU A 339 16.05 30.44 -21.23
C LEU A 339 16.07 31.13 -22.59
N GLU A 340 15.72 30.40 -23.64
CA GLU A 340 15.75 30.97 -24.99
C GLU A 340 14.69 32.06 -25.16
N GLU A 341 13.59 31.98 -24.43
CA GLU A 341 12.52 32.97 -24.52
C GLU A 341 12.77 34.21 -23.66
N ASN A 342 14.01 34.44 -23.25
CA ASN A 342 14.35 35.62 -22.46
C ASN A 342 15.64 36.25 -22.96
N GLU A 366 11.92 38.02 -13.36
CA GLU A 366 11.21 36.73 -13.37
C GLU A 366 11.07 36.21 -14.79
N ILE A 367 11.09 34.89 -14.94
CA ILE A 367 11.12 34.26 -16.26
C ILE A 367 9.79 34.50 -16.97
N GLN A 368 9.89 34.82 -18.26
CA GLN A 368 8.72 35.00 -19.11
C GLN A 368 8.44 33.72 -19.88
N ILE A 369 7.18 33.31 -19.92
CA ILE A 369 6.77 32.05 -20.52
C ILE A 369 6.13 32.35 -21.87
N PRO A 370 6.51 31.67 -22.94
CA PRO A 370 5.81 31.85 -24.23
C PRO A 370 4.38 31.37 -24.13
N VAL A 371 3.47 32.12 -24.78
CA VAL A 371 2.04 31.86 -24.67
C VAL A 371 1.69 30.48 -25.19
N SER A 372 2.44 29.97 -26.16
CA SER A 372 2.16 28.63 -26.67
C SER A 372 2.57 27.56 -25.66
N MET A 373 3.72 27.72 -25.03
CA MET A 373 4.15 26.76 -24.02
C MET A 373 3.32 26.88 -22.74
N ALA A 374 2.88 28.10 -22.41
CA ALA A 374 2.02 28.27 -21.24
C ALA A 374 0.64 27.67 -21.44
N ALA A 375 0.18 27.59 -22.69
CA ALA A 375 -1.14 27.04 -22.95
C ALA A 375 -1.15 25.53 -22.71
N GLU A 376 -0.06 24.85 -23.06
CA GLU A 376 0.02 23.41 -22.86
C GLU A 376 -0.04 23.05 -21.38
N GLU A 377 0.71 23.79 -20.55
CA GLU A 377 0.66 23.55 -19.11
C GLU A 377 -0.72 23.86 -18.54
N GLU A 378 -1.32 24.96 -18.97
CA GLU A 378 -2.64 25.33 -18.46
C GLU A 378 -3.70 24.32 -18.88
N TYR A 379 -3.58 23.76 -20.08
CA TYR A 379 -4.49 22.73 -20.52
C TYR A 379 -4.37 21.47 -19.65
N LEU A 380 -3.14 21.03 -19.40
N LEU A 380 -3.14 21.05 -19.38
CA LEU A 380 -2.93 19.85 -18.57
CA LEU A 380 -2.93 19.84 -18.57
C LEU A 380 -3.40 20.09 -17.14
C LEU A 380 -3.36 20.08 -17.13
N ARG A 381 -3.08 21.26 -16.58
CA ARG A 381 -3.47 21.55 -15.20
C ARG A 381 -4.98 21.64 -15.06
N SER A 382 -5.65 22.30 -16.01
CA SER A 382 -7.10 22.35 -15.98
C SER A 382 -7.69 20.96 -16.13
N LYS A 383 -7.10 20.13 -16.98
CA LYS A 383 -7.58 18.76 -17.17
C LYS A 383 -7.50 17.97 -15.86
N VAL A 384 -6.38 18.07 -15.15
CA VAL A 384 -6.20 17.32 -13.91
C VAL A 384 -7.16 17.84 -12.83
N LEU A 385 -7.20 19.15 -12.63
CA LEU A 385 -8.03 19.72 -11.58
C LEU A 385 -9.51 19.49 -11.88
N SER A 386 -9.90 19.57 -13.15
CA SER A 386 -11.30 19.30 -13.51
C SER A 386 -11.70 17.87 -13.19
N GLU A 387 -10.82 16.92 -13.51
CA GLU A 387 -11.13 15.51 -13.26
C GLU A 387 -11.22 15.22 -11.76
N LEU A 388 -10.30 15.79 -10.97
CA LEU A 388 -10.34 15.60 -9.52
C LEU A 388 -11.62 16.19 -8.92
N LEU A 389 -11.95 17.43 -9.30
CA LEU A 389 -13.08 18.10 -8.70
C LEU A 389 -14.40 17.46 -9.13
N THR A 390 -14.46 16.99 -10.38
CA THR A 390 -15.65 16.26 -10.83
C THR A 390 -15.85 14.98 -10.00
N ASP A 391 -14.77 14.25 -9.73
CA ASP A 391 -14.88 13.07 -8.89
C ASP A 391 -15.37 13.41 -7.50
N THR A 392 -14.92 14.55 -6.97
CA THR A 392 -15.37 14.98 -5.64
C THR A 392 -16.87 15.26 -5.63
N LEU A 393 -17.35 16.03 -6.61
CA LEU A 393 -18.76 16.42 -6.62
C LEU A 393 -19.66 15.23 -6.95
N GLU A 394 -19.18 14.29 -7.76
CA GLU A 394 -20.00 13.13 -8.11
C GLU A 394 -20.09 12.10 -7.00
N ASN A 395 -19.26 12.17 -5.97
CA ASN A 395 -19.27 11.18 -4.89
C ASN A 395 -19.54 11.78 -3.53
N ASP A 396 -18.87 12.87 -3.16
CA ASP A 396 -19.02 13.46 -1.84
C ASP A 396 -19.81 14.76 -1.85
N GLY A 397 -20.05 15.36 -3.01
CA GLY A 397 -20.72 16.63 -2.97
C GLY A 397 -19.78 17.74 -2.52
N GLU A 398 -20.40 18.86 -2.16
CA GLU A 398 -19.68 20.07 -1.79
C GLU A 398 -19.15 19.98 -0.37
N MET A 399 -17.94 20.50 -0.18
CA MET A 399 -17.32 20.60 1.14
C MET A 399 -16.93 22.02 1.51
N TYR A 400 -16.33 22.76 0.59
CA TYR A 400 -15.80 24.10 0.85
C TYR A 400 -16.82 25.19 0.56
N GLY A 401 -17.69 25.00 -0.43
CA GLY A 401 -18.77 25.93 -0.71
C GLY A 401 -18.72 26.60 -2.07
N ASN A 402 -17.63 26.46 -2.83
CA ASN A 402 -17.51 27.11 -4.14
C ASN A 402 -17.11 26.11 -5.22
N GLU A 403 -17.28 24.81 -4.98
CA GLU A 403 -16.76 23.81 -5.92
C GLU A 403 -17.48 23.86 -7.26
N ASN A 404 -18.80 24.12 -7.25
CA ASN A 404 -19.54 24.16 -8.51
C ASN A 404 -19.05 25.30 -9.40
N GLU A 405 -18.81 26.47 -8.81
CA GLU A 405 -18.33 27.60 -9.57
C GLU A 405 -16.87 27.41 -10.01
N VAL A 406 -16.06 26.79 -9.15
CA VAL A 406 -14.67 26.50 -9.52
C VAL A 406 -14.61 25.53 -10.68
N LEU A 407 -15.45 24.48 -10.65
CA LEU A 407 -15.45 23.52 -11.75
C LEU A 407 -15.90 24.16 -13.05
N ALA A 408 -16.86 25.07 -12.99
CA ALA A 408 -17.33 25.75 -14.19
C ALA A 408 -16.24 26.61 -14.80
N ALA A 409 -15.57 27.41 -13.97
CA ALA A 409 -14.42 28.19 -14.46
C ALA A 409 -13.30 27.27 -14.93
N LEU A 410 -13.14 26.14 -14.26
CA LEU A 410 -12.07 25.20 -14.62
C LEU A 410 -12.27 24.67 -16.03
N ASN A 411 -13.48 24.21 -16.36
CA ASN A 411 -13.76 23.73 -17.70
C ASN A 411 -13.63 24.83 -18.73
N GLY A 412 -13.96 26.07 -18.36
CA GLY A 412 -13.77 27.19 -19.27
C GLY A 412 -12.31 27.42 -19.61
N ALA A 413 -11.44 27.47 -18.59
CA ALA A 413 -10.02 27.63 -18.82
C ALA A 413 -9.45 26.45 -19.59
N TYR A 414 -10.00 25.26 -19.38
CA TYR A 414 -9.55 24.06 -20.10
C TYR A 414 -9.71 24.24 -21.61
N ASP A 415 -10.94 24.56 -22.05
CA ASP A 415 -11.19 24.71 -23.48
C ASP A 415 -10.41 25.89 -24.06
N LYS A 416 -10.29 26.97 -23.31
CA LYS A 416 -9.59 28.16 -23.82
C LYS A 416 -8.13 27.85 -24.11
N ALA A 417 -7.45 27.17 -23.17
CA ALA A 417 -6.07 26.77 -23.40
C ALA A 417 -5.97 25.76 -24.54
N LEU A 418 -6.95 24.86 -24.63
CA LEU A 418 -6.97 23.89 -25.71
C LEU A 418 -7.12 24.57 -27.06
N LEU A 419 -7.97 25.61 -27.13
CA LEU A 419 -8.15 26.33 -28.38
C LEU A 419 -6.90 27.08 -28.81
N ARG A 420 -6.07 27.51 -27.86
CA ARG A 420 -4.82 28.16 -28.22
C ARG A 420 -3.86 27.16 -28.87
N LEU A 421 -3.76 25.96 -28.29
CA LEU A 421 -2.97 24.91 -28.92
C LEU A 421 -3.55 24.52 -30.28
N PHE A 422 -4.88 24.56 -30.40
CA PHE A 422 -5.52 24.26 -31.67
C PHE A 422 -5.14 25.28 -32.74
N ALA A 423 -5.04 26.56 -32.35
CA ALA A 423 -4.65 27.59 -33.31
C ALA A 423 -3.20 27.43 -33.74
N SER A 424 -2.33 27.02 -32.83
CA SER A 424 -0.93 26.78 -33.19
C SER A 424 -0.81 25.62 -34.15
N ALA A 425 -1.60 24.56 -33.95
CA ALA A 425 -1.60 23.44 -34.89
C ALA A 425 -2.11 23.87 -36.26
N CYS A 426 -3.12 24.74 -36.29
CA CYS A 426 -3.62 25.24 -37.57
C CYS A 426 -2.58 26.13 -38.24
N SER A 427 -1.90 26.97 -37.45
CA SER A 427 -0.85 27.82 -38.00
C SER A 427 0.28 26.98 -38.60
N ASP A 428 0.54 25.82 -38.03
CA ASP A 428 1.57 24.90 -38.53
C ASP A 428 1.02 23.95 -39.59
N GLN A 429 -0.19 24.17 -40.08
CA GLN A 429 -0.82 23.36 -41.12
C GLN A 429 -0.95 21.89 -40.71
N ASN A 430 -0.87 21.60 -39.41
CA ASN A 430 -0.95 20.23 -38.90
C ASN A 430 -2.41 19.90 -38.63
N VAL A 431 -3.11 19.49 -39.69
CA VAL A 431 -4.54 19.24 -39.60
C VAL A 431 -4.82 18.05 -38.68
N GLU A 432 -3.95 17.04 -38.71
CA GLU A 432 -4.18 15.85 -37.88
C GLU A 432 -4.03 16.18 -36.40
N LYS A 433 -2.98 16.91 -36.03
CA LYS A 433 -2.81 17.30 -34.64
C LYS A 433 -3.94 18.22 -34.18
N ALA A 434 -4.44 19.07 -35.09
CA ALA A 434 -5.54 19.96 -34.73
C ALA A 434 -6.82 19.18 -34.46
N LEU A 435 -7.10 18.16 -35.27
CA LEU A 435 -8.32 17.37 -35.07
C LEU A 435 -8.27 16.63 -33.73
N SER A 436 -7.11 16.09 -33.36
CA SER A 436 -7.00 15.41 -32.07
C SER A 436 -7.20 16.38 -30.92
N LEU A 437 -6.73 17.63 -31.08
CA LEU A 437 -6.98 18.64 -30.06
C LEU A 437 -8.46 18.99 -29.98
N ALA A 438 -9.14 19.04 -31.12
CA ALA A 438 -10.57 19.35 -31.12
C ALA A 438 -11.38 18.25 -30.45
N HIS A 439 -10.93 16.98 -30.57
CA HIS A 439 -11.64 15.88 -29.93
C HIS A 439 -11.63 16.01 -28.41
N GLU A 440 -10.62 16.67 -27.86
CA GLU A 440 -10.48 16.80 -26.42
C GLU A 440 -11.26 17.99 -25.85
N LEU A 441 -11.91 18.78 -26.69
CA LEU A 441 -12.68 19.92 -26.20
C LEU A 441 -13.91 19.45 -25.43
N LYS A 442 -14.32 20.27 -24.46
CA LYS A 442 -15.45 19.94 -23.60
C LYS A 442 -16.74 20.58 -24.11
N GLN A 443 -16.79 21.92 -24.13
CA GLN A 443 -18.03 22.61 -24.47
C GLN A 443 -18.35 22.47 -25.95
N ASP A 444 -19.65 22.34 -26.25
CA ASP A 444 -20.10 22.37 -27.63
C ASP A 444 -19.85 23.74 -28.26
N ARG A 445 -19.92 24.81 -27.46
CA ARG A 445 -19.58 26.13 -27.95
C ARG A 445 -18.08 26.28 -28.24
N ALA A 446 -17.24 25.44 -27.63
CA ALA A 446 -15.83 25.43 -27.96
C ALA A 446 -15.55 24.74 -29.29
N LEU A 447 -16.34 23.71 -29.62
CA LEU A 447 -16.26 23.13 -30.96
C LEU A 447 -16.64 24.14 -32.02
N THR A 448 -17.62 25.01 -31.72
CA THR A 448 -17.99 26.07 -32.64
C THR A 448 -16.84 27.05 -32.83
N ALA A 449 -16.19 27.44 -31.73
CA ALA A 449 -15.04 28.34 -31.81
C ALA A 449 -13.91 27.71 -32.63
N ALA A 450 -13.74 26.39 -32.53
CA ALA A 450 -12.70 25.71 -33.30
C ALA A 450 -13.01 25.74 -34.79
N VAL A 451 -14.29 25.61 -35.16
CA VAL A 451 -14.68 25.72 -36.55
C VAL A 451 -14.32 27.09 -37.11
N LYS A 452 -14.60 28.15 -36.34
CA LYS A 452 -14.29 29.50 -36.80
C LYS A 452 -12.79 29.73 -36.92
N ILE A 453 -11.99 29.11 -36.03
CA ILE A 453 -10.54 29.22 -36.16
C ILE A 453 -10.06 28.45 -37.39
N SER A 454 -10.70 27.32 -37.69
CA SER A 454 -10.32 26.56 -38.88
C SER A 454 -10.66 27.33 -40.16
N GLU A 455 -11.83 27.99 -40.18
CA GLU A 455 -12.19 28.81 -41.33
C GLU A 455 -11.23 29.98 -41.49
N ARG A 456 -10.89 30.65 -40.38
CA ARG A 456 -9.94 31.75 -40.43
C ARG A 456 -8.54 31.29 -40.84
N ALA A 457 -8.24 30.02 -40.68
CA ALA A 457 -6.98 29.44 -41.13
C ALA A 457 -7.07 28.85 -42.53
N GLU A 458 -8.26 28.88 -43.14
CA GLU A 458 -8.48 28.37 -44.50
C GLU A 458 -8.10 26.90 -44.60
N LEU A 459 -8.67 26.09 -43.71
CA LEU A 459 -8.49 24.64 -43.68
C LEU A 459 -9.87 24.00 -43.82
N PRO A 460 -10.43 23.94 -45.03
CA PRO A 460 -11.81 23.45 -45.18
C PRO A 460 -11.98 21.98 -44.85
N SER A 461 -10.94 21.16 -45.06
CA SER A 461 -11.04 19.75 -44.69
C SER A 461 -11.14 19.57 -43.18
N LEU A 462 -10.48 20.45 -42.42
CA LEU A 462 -10.59 20.40 -40.97
C LEU A 462 -11.97 20.83 -40.49
N VAL A 463 -12.57 21.83 -41.16
CA VAL A 463 -13.90 22.29 -40.78
C VAL A 463 -14.92 21.15 -40.86
N LYS A 464 -14.85 20.36 -41.93
CA LYS A 464 -15.82 19.28 -42.10
C LYS A 464 -15.66 18.21 -41.02
N LYS A 465 -14.42 17.90 -40.64
CA LYS A 465 -14.20 16.87 -39.63
C LYS A 465 -14.62 17.34 -38.24
N ILE A 466 -14.42 18.63 -37.94
CA ILE A 466 -14.87 19.16 -36.66
C ILE A 466 -16.40 19.26 -36.63
N ASN A 467 -17.01 19.59 -37.76
CA ASN A 467 -18.47 19.62 -37.82
C ASN A 467 -19.06 18.22 -37.69
N ASN A 468 -18.31 17.19 -38.09
CA ASN A 468 -18.75 15.82 -37.84
C ASN A 468 -18.78 15.52 -36.34
N ILE A 469 -17.84 16.10 -35.58
CA ILE A 469 -17.84 15.91 -34.13
C ILE A 469 -19.09 16.55 -33.52
N ARG A 470 -19.43 17.76 -33.96
CA ARG A 470 -20.61 18.44 -33.42
C ARG A 470 -21.88 17.68 -33.76
N GLU A 471 -22.00 17.20 -35.00
CA GLU A 471 -23.16 16.40 -35.37
C GLU A 471 -23.23 15.11 -34.57
N ALA A 472 -22.08 14.47 -34.33
CA ALA A 472 -22.05 13.23 -33.58
C ALA A 472 -22.49 13.44 -32.14
N ARG A 473 -22.07 14.55 -31.53
CA ARG A 473 -22.51 14.84 -30.17
C ARG A 473 -23.98 15.22 -30.12
N TYR A 474 -24.47 15.93 -31.14
CA TYR A 474 -25.89 16.23 -31.21
C TYR A 474 -26.73 14.97 -31.39
N GLU A 475 -26.13 13.92 -31.96
CA GLU A 475 -26.85 12.65 -32.09
C GLU A 475 -26.97 11.96 -30.74
N GLN A 476 -25.94 12.07 -29.90
CA GLN A 476 -26.08 11.59 -28.53
C GLN A 476 -27.10 12.41 -27.76
N GLN A 477 -27.28 13.67 -28.12
CA GLN A 477 -28.27 14.53 -27.49
C GLN A 477 -29.69 14.12 -27.85
N LEU A 478 -29.86 13.35 -28.94
CA LEU A 478 -31.17 12.87 -29.35
C LEU A 478 -31.51 11.53 -28.75
N LYS A 479 -30.59 10.91 -28.01
CA LYS A 479 -30.84 9.62 -27.38
C LYS A 479 -31.11 9.80 -25.89
N PHE B 26 16.31 -16.87 2.95
CA PHE B 26 15.43 -17.34 4.01
C PHE B 26 15.10 -18.82 3.84
N ARG B 27 15.12 -19.55 4.95
CA ARG B 27 14.88 -20.99 4.96
C ARG B 27 13.49 -21.28 5.52
N TYR B 28 12.71 -22.08 4.80
CA TYR B 28 11.38 -22.46 5.25
C TYR B 28 11.49 -23.66 6.18
N MET B 29 11.03 -23.49 7.42
CA MET B 29 11.08 -24.57 8.38
C MET B 29 9.70 -25.21 8.53
N PRO B 30 9.65 -26.52 8.82
CA PRO B 30 8.34 -27.18 9.01
C PRO B 30 7.63 -26.63 10.24
N PHE B 31 6.41 -26.15 10.04
CA PHE B 31 5.63 -25.51 11.09
C PHE B 31 4.46 -26.37 11.50
N SER B 32 4.14 -26.35 12.79
CA SER B 32 2.93 -26.98 13.31
C SER B 32 2.44 -26.13 14.48
N PRO B 33 1.12 -26.02 14.67
CA PRO B 33 0.59 -25.14 15.73
C PRO B 33 1.10 -25.55 17.11
N ALA B 34 1.70 -24.58 17.80
CA ALA B 34 2.18 -24.73 19.17
C ALA B 34 3.26 -25.81 19.29
N GLY B 35 3.93 -26.14 18.20
CA GLY B 35 5.03 -27.08 18.28
C GLY B 35 6.25 -26.47 18.94
N THR B 36 7.05 -27.34 19.55
CA THR B 36 8.24 -26.93 20.27
C THR B 36 9.47 -27.59 19.66
N PRO B 37 10.65 -27.01 19.81
CA PRO B 37 11.87 -27.63 19.30
C PRO B 37 12.44 -28.65 20.28
N PHE B 38 13.29 -29.52 19.73
CA PHE B 38 14.02 -30.44 20.59
C PHE B 38 14.92 -29.68 21.57
N GLY B 39 15.59 -28.65 21.06
CA GLY B 39 16.54 -27.95 21.91
C GLY B 39 17.71 -28.86 22.23
N PHE B 40 18.04 -28.93 23.51
CA PHE B 40 19.12 -29.78 24.00
C PHE B 40 18.61 -31.10 24.57
N THR B 41 17.35 -31.45 24.32
CA THR B 41 16.75 -32.69 24.77
C THR B 41 16.50 -33.61 23.57
N ASP B 42 15.97 -34.79 23.85
CA ASP B 42 15.64 -35.77 22.81
C ASP B 42 14.16 -35.89 22.54
N ARG B 43 13.34 -34.97 23.07
CA ARG B 43 11.90 -35.03 22.87
C ARG B 43 11.36 -33.63 22.67
N ARG B 44 10.21 -33.55 22.00
CA ARG B 44 9.55 -32.28 21.75
C ARG B 44 8.09 -32.55 21.43
N TYR B 45 7.32 -31.47 21.34
CA TYR B 45 5.91 -31.53 20.96
C TYR B 45 5.76 -31.20 19.49
N LEU B 46 5.14 -32.09 18.73
CA LEU B 46 4.87 -31.81 17.33
C LEU B 46 3.82 -30.71 17.19
N THR B 47 2.69 -30.84 17.88
CA THR B 47 1.64 -29.84 17.86
C THR B 47 0.88 -29.89 19.17
N MET B 48 -0.06 -28.97 19.33
CA MET B 48 -0.70 -28.75 20.63
C MET B 48 -1.88 -27.79 20.47
N ASN B 49 -3.05 -28.16 20.98
CA ASN B 49 -4.20 -27.26 20.97
C ASN B 49 -5.15 -27.66 22.09
N GLU B 50 -6.41 -27.24 21.98
CA GLU B 50 -7.39 -27.53 23.03
C GLU B 50 -7.78 -29.00 23.07
N VAL B 51 -7.59 -29.74 21.98
CA VAL B 51 -7.91 -31.16 21.97
C VAL B 51 -6.87 -31.96 22.74
N GLY B 52 -5.59 -31.65 22.53
CA GLY B 52 -4.54 -32.39 23.20
C GLY B 52 -3.17 -31.97 22.70
N TYR B 53 -2.22 -32.90 22.82
CA TYR B 53 -0.84 -32.62 22.44
C TYR B 53 -0.21 -33.89 21.89
N VAL B 54 0.66 -33.70 20.90
CA VAL B 54 1.36 -34.81 20.24
C VAL B 54 2.84 -34.61 20.47
N SER B 55 3.50 -35.61 21.02
CA SER B 55 4.93 -35.55 21.31
C SER B 55 5.66 -36.64 20.56
N THR B 56 6.94 -36.40 20.31
CA THR B 56 7.82 -37.37 19.67
C THR B 56 9.12 -37.45 20.46
N VAL B 57 9.63 -38.67 20.60
CA VAL B 57 10.84 -38.93 21.37
C VAL B 57 11.80 -39.72 20.48
N LYS B 58 13.04 -39.24 20.39
CA LYS B 58 14.07 -39.99 19.68
C LYS B 58 14.29 -41.32 20.36
N ASN B 59 14.05 -42.41 19.62
CA ASN B 59 14.19 -43.76 20.13
C ASN B 59 15.22 -44.48 19.27
N SER B 60 16.40 -44.74 19.85
CA SER B 60 17.51 -45.33 19.11
C SER B 60 17.65 -44.70 17.74
N GLU B 61 17.18 -45.40 16.70
CA GLU B 61 17.27 -44.92 15.34
C GLU B 61 15.95 -44.41 14.78
N GLN B 62 14.83 -44.66 15.49
CA GLN B 62 13.52 -44.22 15.02
C GLN B 62 12.91 -43.23 16.00
N TYR B 63 11.59 -43.13 16.03
CA TYR B 63 10.90 -42.19 16.90
C TYR B 63 9.67 -42.83 17.51
N SER B 64 9.32 -42.37 18.71
CA SER B 64 8.12 -42.81 19.41
C SER B 64 7.17 -41.61 19.53
N ILE B 65 6.04 -41.69 18.85
CA ILE B 65 5.05 -40.61 18.84
C ILE B 65 3.94 -40.96 19.82
N THR B 66 3.54 -39.99 20.64
CA THR B 66 2.46 -40.16 21.60
C THR B 66 1.40 -39.11 21.32
N VAL B 67 0.15 -39.54 21.21
CA VAL B 67 -0.99 -38.65 21.00
C VAL B 67 -1.79 -38.65 22.30
N SER B 68 -1.77 -37.53 23.01
CA SER B 68 -2.45 -37.39 24.29
C SER B 68 -3.59 -36.40 24.19
N PHE B 69 -4.58 -36.57 25.07
CA PHE B 69 -5.79 -35.77 25.03
C PHE B 69 -6.04 -35.17 26.41
N PHE B 70 -6.64 -33.98 26.40
CA PHE B 70 -6.98 -33.29 27.64
C PHE B 70 -8.28 -33.80 28.26
N ASP B 71 -9.22 -34.24 27.43
CA ASP B 71 -10.43 -34.90 27.93
C ASP B 71 -10.14 -36.39 27.98
N VAL B 72 -9.65 -36.84 29.13
CA VAL B 72 -9.21 -38.24 29.27
C VAL B 72 -10.39 -39.19 29.17
N GLY B 73 -11.57 -38.77 29.62
CA GLY B 73 -12.74 -39.63 29.53
C GLY B 73 -13.26 -39.80 28.12
N ARG B 74 -12.96 -38.85 27.23
CA ARG B 74 -13.49 -38.87 25.88
C ARG B 74 -12.58 -39.62 24.90
N PHE B 75 -11.27 -39.44 25.00
CA PHE B 75 -10.33 -40.07 24.08
C PHE B 75 -9.29 -40.86 24.87
N ARG B 76 -8.70 -41.85 24.21
CA ARG B 76 -7.68 -42.70 24.80
C ARG B 76 -6.32 -42.36 24.20
N GLU B 77 -5.37 -42.02 25.07
CA GLU B 77 -4.00 -41.81 24.63
C GLU B 77 -3.43 -43.08 23.99
N TYR B 78 -2.61 -42.90 22.95
CA TYR B 78 -1.99 -44.04 22.29
C TYR B 78 -0.61 -43.62 21.79
N HIS B 79 0.19 -44.62 21.42
N HIS B 79 0.19 -44.63 21.43
CA HIS B 79 1.55 -44.40 20.96
CA HIS B 79 1.55 -44.43 20.96
C HIS B 79 1.85 -45.35 19.79
C HIS B 79 1.80 -45.32 19.75
N PHE B 80 2.79 -44.93 18.95
CA PHE B 80 3.21 -45.77 17.83
C PHE B 80 4.63 -45.40 17.44
N GLU B 81 5.32 -46.33 16.79
CA GLU B 81 6.69 -46.15 16.36
C GLU B 81 6.75 -45.47 15.00
N ASP B 82 7.51 -44.40 14.91
CA ASP B 82 7.64 -43.60 13.69
C ASP B 82 8.96 -43.94 13.01
N LEU B 83 8.88 -44.71 11.92
CA LEU B 83 10.05 -45.08 11.14
C LEU B 83 10.41 -44.05 10.08
N PHE B 84 9.65 -42.95 9.98
CA PHE B 84 9.82 -41.98 8.92
C PHE B 84 10.36 -40.64 9.39
N GLY B 85 10.19 -40.30 10.66
CA GLY B 85 10.66 -39.03 11.17
C GLY B 85 9.70 -37.90 10.88
N TYR B 86 8.44 -38.07 11.28
CA TYR B 86 7.44 -37.03 11.09
C TYR B 86 7.82 -35.78 11.88
N ASP B 87 7.92 -34.65 11.18
CA ASP B 87 8.20 -33.37 11.80
C ASP B 87 7.04 -32.39 11.68
N LEU B 88 5.95 -32.79 11.03
CA LEU B 88 4.76 -31.96 10.88
C LEU B 88 3.57 -32.69 11.49
N CYS B 89 2.66 -31.93 12.10
CA CYS B 89 1.50 -32.54 12.72
C CYS B 89 0.37 -31.52 12.84
N PHE B 90 -0.86 -32.03 12.79
CA PHE B 90 -2.05 -31.25 13.10
C PHE B 90 -3.06 -32.17 13.75
N LEU B 91 -3.72 -31.66 14.79
CA LEU B 91 -4.63 -32.44 15.62
C LEU B 91 -6.01 -31.80 15.63
N ASN B 92 -7.04 -32.62 15.41
CA ASN B 92 -8.41 -32.14 15.55
C ASN B 92 -9.22 -33.13 16.37
N GLU B 93 -10.54 -32.92 16.45
CA GLU B 93 -11.38 -33.76 17.30
C GLU B 93 -11.64 -35.15 16.73
N LYS B 94 -11.32 -35.40 15.46
CA LYS B 94 -11.59 -36.69 14.84
C LYS B 94 -10.36 -37.48 14.46
N GLY B 95 -9.21 -36.85 14.30
CA GLY B 95 -8.03 -37.59 13.89
C GLY B 95 -6.79 -36.73 14.02
N THR B 96 -5.65 -37.35 13.69
CA THR B 96 -4.36 -36.69 13.75
C THR B 96 -3.66 -36.83 12.41
N LEU B 97 -3.09 -35.74 11.93
CA LEU B 97 -2.39 -35.71 10.65
C LEU B 97 -0.91 -35.56 10.91
N PHE B 98 -0.11 -36.37 10.23
CA PHE B 98 1.34 -36.33 10.35
C PHE B 98 1.95 -36.05 8.99
N GLY B 99 3.10 -35.39 8.99
CA GLY B 99 3.77 -35.05 7.75
C GLY B 99 5.27 -35.15 7.90
N GLN B 100 5.92 -35.47 6.78
CA GLN B 100 7.37 -35.56 6.68
C GLN B 100 7.81 -34.50 5.68
N SER B 101 8.54 -33.48 6.17
CA SER B 101 8.78 -32.29 5.36
C SER B 101 9.67 -32.59 4.16
N LYS B 102 10.57 -33.56 4.28
CA LYS B 102 11.55 -33.81 3.23
C LYS B 102 11.12 -34.88 2.24
N THR B 103 10.48 -35.96 2.72
CA THR B 103 10.06 -37.04 1.83
C THR B 103 8.69 -36.78 1.21
N GLY B 104 7.87 -35.93 1.82
CA GLY B 104 6.54 -35.67 1.30
C GLY B 104 5.49 -36.65 1.76
N GLN B 105 5.83 -37.57 2.66
CA GLN B 105 4.86 -38.55 3.12
C GLN B 105 3.97 -37.94 4.20
N ILE B 106 2.67 -38.18 4.09
CA ILE B 106 1.70 -37.76 5.09
C ILE B 106 0.87 -38.98 5.48
N GLN B 107 0.36 -38.97 6.70
CA GLN B 107 -0.55 -40.01 7.16
C GLN B 107 -1.64 -39.37 8.00
N TYR B 108 -2.88 -39.77 7.75
CA TYR B 108 -4.01 -39.33 8.56
C TYR B 108 -4.47 -40.51 9.39
N ARG B 109 -4.55 -40.33 10.70
CA ARG B 109 -4.96 -41.39 11.63
C ARG B 109 -6.21 -40.94 12.36
N PRO B 110 -7.38 -41.44 11.97
CA PRO B 110 -8.60 -41.13 12.74
C PRO B 110 -8.49 -41.69 14.16
N HIS B 111 -9.09 -40.98 15.11
CA HIS B 111 -9.10 -41.45 16.49
C HIS B 111 -9.96 -42.71 16.62
N ASP B 112 -11.14 -42.69 16.01
CA ASP B 112 -12.06 -43.82 16.05
C ASP B 112 -11.71 -44.85 14.98
N SER B 113 -11.97 -46.11 15.31
CA SER B 113 -11.68 -47.25 14.44
C SER B 113 -12.66 -47.41 13.27
N ILE B 114 -13.67 -46.56 13.15
CA ILE B 114 -14.62 -46.68 12.03
C ILE B 114 -13.88 -46.61 10.70
N HIS B 115 -13.15 -45.54 10.47
CA HIS B 115 -12.34 -45.37 9.27
C HIS B 115 -10.87 -45.74 9.56
N SER B 116 -10.22 -46.26 8.53
CA SER B 116 -8.84 -46.71 8.66
C SER B 116 -7.88 -45.58 8.37
N ASN B 117 -6.66 -45.72 8.88
CA ASN B 117 -5.63 -44.75 8.54
C ASN B 117 -5.33 -44.81 7.05
N TRP B 118 -4.77 -43.73 6.52
CA TRP B 118 -4.31 -43.74 5.14
C TRP B 118 -3.04 -42.90 5.02
N THR B 119 -2.22 -43.27 4.04
CA THR B 119 -0.93 -42.66 3.82
C THR B 119 -0.85 -42.18 2.38
N LYS B 120 -0.14 -41.07 2.18
CA LYS B 120 0.01 -40.50 0.85
C LYS B 120 1.40 -39.90 0.75
N ILE B 121 1.95 -39.91 -0.45
CA ILE B 121 3.23 -39.27 -0.74
C ILE B 121 2.95 -38.03 -1.58
N ILE B 122 3.29 -36.87 -1.06
CA ILE B 122 3.07 -35.62 -1.77
C ILE B 122 4.21 -35.41 -2.76
N PRO B 123 3.93 -35.12 -4.02
CA PRO B 123 5.02 -34.84 -4.97
C PRO B 123 5.77 -33.58 -4.55
N LEU B 124 7.10 -33.69 -4.54
CA LEU B 124 7.97 -32.58 -4.19
C LEU B 124 9.06 -32.42 -5.24
N GLN B 125 9.21 -31.21 -5.74
CA GLN B 125 10.29 -30.90 -6.67
C GLN B 125 11.61 -30.83 -5.92
N ALA B 126 12.69 -30.62 -6.67
CA ALA B 126 14.02 -30.51 -6.07
C ALA B 126 14.06 -29.32 -5.13
N GLY B 127 14.43 -29.57 -3.87
CA GLY B 127 14.49 -28.52 -2.88
C GLY B 127 13.16 -28.10 -2.30
N GLU B 128 12.04 -28.67 -2.78
CA GLU B 128 10.73 -28.32 -2.26
C GLU B 128 10.43 -29.14 -1.02
N ARG B 129 9.92 -28.47 0.02
CA ARG B 129 9.58 -29.09 1.29
C ARG B 129 8.13 -28.83 1.62
N ILE B 130 7.53 -29.75 2.38
CA ILE B 130 6.24 -29.47 3.01
C ILE B 130 6.51 -28.57 4.22
N THR B 131 5.81 -27.43 4.28
CA THR B 131 6.04 -26.46 5.32
C THR B 131 4.97 -26.46 6.40
N SER B 132 3.77 -26.97 6.11
CA SER B 132 2.68 -26.94 7.06
C SER B 132 1.59 -27.88 6.57
N VAL B 133 0.93 -28.56 7.51
CA VAL B 133 -0.23 -29.38 7.22
C VAL B 133 -1.33 -29.03 8.21
N ALA B 134 -2.57 -29.30 7.79
CA ALA B 134 -3.72 -29.06 8.65
C ALA B 134 -4.83 -30.01 8.25
N ALA B 135 -5.73 -30.27 9.21
CA ALA B 135 -6.83 -31.20 8.97
C ALA B 135 -8.02 -30.82 9.84
N THR B 136 -9.21 -31.01 9.28
CA THR B 136 -10.47 -30.91 10.00
C THR B 136 -11.15 -32.26 9.86
N PRO B 137 -12.30 -32.50 10.49
CA PRO B 137 -13.02 -33.77 10.24
C PRO B 137 -13.41 -33.97 8.78
N VAL B 138 -13.31 -32.95 7.92
CA VAL B 138 -13.81 -33.07 6.55
C VAL B 138 -12.77 -32.68 5.52
N ARG B 139 -11.65 -32.09 5.94
CA ARG B 139 -10.66 -31.58 5.00
C ARG B 139 -9.25 -31.86 5.50
N VAL B 140 -8.35 -32.14 4.55
CA VAL B 140 -6.92 -32.29 4.82
C VAL B 140 -6.16 -31.39 3.86
N ILE B 141 -5.28 -30.54 4.40
CA ILE B 141 -4.58 -29.53 3.61
C ILE B 141 -3.08 -29.68 3.81
N VAL B 142 -2.32 -29.55 2.72
CA VAL B 142 -0.87 -29.62 2.74
C VAL B 142 -0.32 -28.42 1.97
N GLY B 143 0.60 -27.69 2.59
CA GLY B 143 1.24 -26.56 1.94
C GLY B 143 2.74 -26.78 1.84
N THR B 144 3.33 -26.26 0.77
CA THR B 144 4.74 -26.50 0.47
C THR B 144 5.51 -25.18 0.40
N SER B 145 6.84 -25.32 0.39
CA SER B 145 7.74 -24.17 0.34
C SER B 145 7.70 -23.46 -1.00
N LEU B 146 7.17 -24.10 -2.05
CA LEU B 146 6.99 -23.45 -3.33
C LEU B 146 5.60 -22.84 -3.50
N GLY B 147 4.74 -22.97 -2.48
CA GLY B 147 3.41 -22.40 -2.56
C GLY B 147 2.36 -23.32 -3.15
N TYR B 148 2.63 -24.62 -3.23
CA TYR B 148 1.63 -25.57 -3.71
C TYR B 148 0.65 -25.88 -2.59
N PHE B 149 -0.63 -25.76 -2.90
CA PHE B 149 -1.72 -25.90 -1.93
C PHE B 149 -2.52 -27.14 -2.33
N ARG B 150 -2.32 -28.23 -1.62
CA ARG B 150 -2.95 -29.51 -1.94
C ARG B 150 -3.95 -29.86 -0.85
N SER B 151 -5.20 -30.09 -1.25
CA SER B 151 -6.28 -30.38 -0.32
C SER B 151 -6.95 -31.71 -0.68
N PHE B 152 -7.49 -32.37 0.33
CA PHE B 152 -8.15 -33.66 0.18
C PHE B 152 -9.38 -33.67 1.07
N ASN B 153 -10.26 -34.65 0.86
CA ASN B 153 -11.32 -34.89 1.82
C ASN B 153 -10.81 -35.81 2.92
N GLN B 154 -11.69 -36.18 3.86
CA GLN B 154 -11.26 -36.95 5.02
C GLN B 154 -10.76 -38.35 4.67
N PHE B 155 -10.98 -38.81 3.44
CA PHE B 155 -10.51 -40.13 3.02
C PHE B 155 -9.32 -40.08 2.07
N GLY B 156 -8.85 -38.90 1.71
CA GLY B 156 -7.70 -38.77 0.84
C GLY B 156 -8.01 -38.50 -0.62
N VAL B 157 -9.26 -38.25 -0.97
CA VAL B 157 -9.61 -37.95 -2.35
C VAL B 157 -9.10 -36.55 -2.68
N PRO B 158 -8.23 -36.41 -3.67
CA PRO B 158 -7.61 -35.11 -3.95
C PRO B 158 -8.56 -34.11 -4.59
N PHE B 159 -8.35 -32.85 -4.26
CA PHE B 159 -9.07 -31.72 -4.84
C PHE B 159 -8.15 -31.08 -5.88
N ALA B 160 -8.62 -29.99 -6.48
CA ALA B 160 -7.77 -29.27 -7.42
C ALA B 160 -6.49 -28.84 -6.71
N VAL B 161 -5.39 -28.80 -7.47
CA VAL B 161 -4.11 -28.34 -6.96
C VAL B 161 -3.93 -26.89 -7.37
N GLU B 162 -3.64 -26.03 -6.38
CA GLU B 162 -3.51 -24.61 -6.60
C GLU B 162 -2.08 -24.17 -6.30
N LYS B 163 -1.64 -23.17 -7.05
CA LYS B 163 -0.33 -22.55 -6.88
C LYS B 163 -0.52 -21.18 -6.26
N THR B 164 0.04 -20.98 -5.07
CA THR B 164 -0.03 -19.69 -4.39
C THR B 164 1.36 -19.23 -4.02
N SER B 165 1.45 -18.18 -3.21
CA SER B 165 2.72 -17.78 -2.63
C SER B 165 3.22 -18.89 -1.70
N PRO B 166 4.54 -18.95 -1.46
CA PRO B 166 5.08 -19.94 -0.53
C PRO B 166 4.35 -19.90 0.81
N ILE B 167 3.97 -21.07 1.30
CA ILE B 167 3.19 -21.22 2.51
C ILE B 167 4.13 -21.47 3.68
N VAL B 168 3.88 -20.79 4.79
CA VAL B 168 4.66 -21.01 6.01
C VAL B 168 3.83 -21.55 7.16
N ALA B 169 2.52 -21.35 7.17
CA ALA B 169 1.68 -21.85 8.26
C ALA B 169 0.26 -22.03 7.76
N LEU B 170 -0.40 -23.08 8.26
CA LEU B 170 -1.76 -23.42 7.91
C LEU B 170 -2.55 -23.74 9.17
N THR B 171 -3.82 -23.36 9.17
CA THR B 171 -4.77 -23.89 10.12
C THR B 171 -6.12 -24.00 9.42
N ALA B 172 -7.02 -24.77 10.01
CA ALA B 172 -8.29 -25.03 9.35
C ALA B 172 -9.35 -25.32 10.40
N GLN B 173 -10.60 -25.09 10.02
CA GLN B 173 -11.76 -25.35 10.87
C GLN B 173 -12.94 -25.64 9.96
N ASN B 174 -13.49 -26.85 10.08
CA ASN B 174 -14.55 -27.32 9.19
C ASN B 174 -14.10 -27.28 7.73
N TYR B 175 -14.67 -26.39 6.93
CA TYR B 175 -14.33 -26.29 5.52
C TYR B 175 -13.48 -25.07 5.20
N ARG B 176 -13.10 -24.28 6.20
CA ARG B 176 -12.36 -23.05 6.00
C ARG B 176 -10.90 -23.22 6.36
N VAL B 177 -10.03 -22.52 5.62
CA VAL B 177 -8.58 -22.61 5.78
C VAL B 177 -8.01 -21.21 5.94
N PHE B 178 -7.12 -21.05 6.91
CA PHE B 178 -6.39 -19.81 7.13
C PHE B 178 -4.91 -20.10 6.90
N SER B 179 -4.35 -19.50 5.84
CA SER B 179 -2.99 -19.76 5.42
C SER B 179 -2.14 -18.50 5.55
N VAL B 180 -0.92 -18.67 6.01
CA VAL B 180 0.06 -17.59 6.11
C VAL B 180 1.13 -17.81 5.05
N HIS B 181 1.43 -16.77 4.28
CA HIS B 181 2.38 -16.87 3.18
C HIS B 181 3.55 -15.92 3.43
N TYR B 182 4.70 -16.26 2.86
CA TYR B 182 5.87 -15.40 2.98
C TYR B 182 6.65 -15.42 1.67
N SER B 183 6.96 -14.23 1.17
CA SER B 183 7.91 -14.05 0.09
C SER B 183 8.91 -12.98 0.52
N GLN B 184 10.02 -12.90 -0.22
CA GLN B 184 10.96 -11.81 0.02
C GLN B 184 10.47 -10.51 -0.59
N PHE B 185 9.44 -10.58 -1.44
CA PHE B 185 8.89 -9.41 -2.10
C PHE B 185 7.86 -8.71 -1.23
N HIS B 186 6.89 -9.47 -0.69
CA HIS B 186 5.79 -8.88 0.08
C HIS B 186 5.95 -9.03 1.59
N GLY B 187 6.82 -9.92 2.04
CA GLY B 187 6.89 -10.20 3.47
C GLY B 187 5.82 -11.19 3.86
N LEU B 188 5.09 -10.90 4.94
CA LEU B 188 4.04 -11.78 5.41
C LEU B 188 2.70 -11.37 4.82
N SER B 189 1.96 -12.35 4.31
CA SER B 189 0.58 -12.17 3.89
C SER B 189 -0.24 -13.34 4.41
N TYR B 190 -1.56 -13.23 4.29
CA TYR B 190 -2.45 -14.30 4.73
C TYR B 190 -3.58 -14.45 3.73
N SER B 191 -4.11 -15.66 3.64
CA SER B 191 -5.30 -15.93 2.84
C SER B 191 -6.34 -16.60 3.72
N LEU B 192 -7.60 -16.36 3.39
CA LEU B 192 -8.72 -16.97 4.10
C LEU B 192 -9.67 -17.52 3.05
N SER B 193 -9.90 -18.82 3.07
CA SER B 193 -10.62 -19.49 2.00
C SER B 193 -11.54 -20.56 2.55
N GLU B 194 -12.42 -21.04 1.67
CA GLU B 194 -13.33 -22.15 1.98
C GLU B 194 -13.20 -23.19 0.89
N LEU B 195 -13.02 -24.44 1.28
CA LEU B 195 -12.84 -25.57 0.36
C LEU B 195 -14.17 -26.26 0.11
N GLY B 196 -14.94 -25.71 -0.82
CA GLY B 196 -16.25 -26.21 -1.18
C GLY B 196 -16.20 -27.60 -1.79
N THR B 197 -17.37 -28.05 -2.24
CA THR B 197 -17.50 -29.39 -2.80
C THR B 197 -16.67 -29.59 -4.06
N SER B 198 -16.48 -28.54 -4.85
CA SER B 198 -15.77 -28.70 -6.11
C SER B 198 -14.80 -27.57 -6.44
N SER B 199 -14.68 -26.55 -5.60
CA SER B 199 -13.71 -25.50 -5.86
C SER B 199 -13.39 -24.75 -4.57
N LYS B 200 -12.24 -24.07 -4.59
CA LYS B 200 -11.79 -23.25 -3.47
C LYS B 200 -12.23 -21.81 -3.66
N ARG B 201 -12.87 -21.23 -2.66
CA ARG B 201 -13.35 -19.86 -2.69
C ARG B 201 -12.59 -19.03 -1.67
N TYR B 202 -12.17 -17.83 -2.07
CA TYR B 202 -11.41 -16.92 -1.21
C TYR B 202 -12.30 -15.87 -0.58
N TYR B 203 -12.25 -15.76 0.75
CA TYR B 203 -12.79 -14.57 1.41
C TYR B 203 -11.76 -13.45 1.38
N LYS B 204 -10.50 -13.80 1.61
CA LYS B 204 -9.37 -12.87 1.58
C LYS B 204 -8.19 -13.59 0.93
N ARG B 205 -7.54 -12.94 -0.03
CA ARG B 205 -6.42 -13.56 -0.76
C ARG B 205 -5.17 -12.70 -0.61
N GLU B 206 -4.22 -13.18 0.20
CA GLU B 206 -2.89 -12.60 0.35
C GLU B 206 -2.94 -11.11 0.69
N CYS B 207 -3.66 -10.81 1.76
CA CYS B 207 -3.70 -9.49 2.35
C CYS B 207 -2.57 -9.34 3.35
N PRO B 208 -2.18 -8.11 3.69
CA PRO B 208 -1.07 -7.93 4.63
C PRO B 208 -1.36 -8.57 5.98
N LEU B 209 -0.35 -9.26 6.52
CA LEU B 209 -0.45 -9.86 7.85
C LEU B 209 0.40 -9.03 8.80
N PRO B 210 -0.19 -8.15 9.61
CA PRO B 210 0.59 -7.24 10.44
C PRO B 210 1.10 -7.88 11.72
N MET B 211 1.64 -9.08 11.65
CA MET B 211 2.23 -9.73 12.82
C MET B 211 3.69 -9.35 12.92
N SER B 212 4.11 -8.93 14.10
CA SER B 212 5.49 -8.50 14.31
C SER B 212 6.43 -9.69 14.18
N LEU B 213 7.50 -9.51 13.41
CA LEU B 213 8.52 -10.52 13.27
C LEU B 213 9.49 -10.45 14.45
N PRO B 214 10.18 -11.56 14.74
CA PRO B 214 11.15 -11.53 15.85
C PRO B 214 12.29 -10.57 15.57
N ASN B 215 12.87 -10.05 16.65
CA ASN B 215 14.02 -9.15 16.58
C ASN B 215 15.17 -9.80 17.35
N ILE B 216 16.11 -10.39 16.61
CA ILE B 216 17.20 -11.18 17.18
C ILE B 216 18.48 -10.36 17.09
N ASN B 217 19.28 -10.40 18.16
CA ASN B 217 20.51 -9.65 18.26
C ASN B 217 21.70 -10.57 17.99
N SER B 218 22.91 -10.04 18.19
CA SER B 218 24.12 -10.85 18.12
C SER B 218 24.47 -11.52 19.45
N ASP B 219 23.91 -11.02 20.55
CA ASP B 219 24.05 -11.69 21.84
C ASP B 219 23.13 -12.89 21.98
N MET B 220 22.17 -13.06 21.06
CA MET B 220 21.27 -14.20 21.09
C MET B 220 21.94 -15.49 20.66
N LYS B 221 23.17 -15.42 20.14
CA LYS B 221 23.88 -16.64 19.72
C LYS B 221 24.27 -17.53 20.88
N LYS B 222 24.18 -17.04 22.11
CA LYS B 222 24.35 -17.85 23.30
C LYS B 222 23.14 -17.78 24.23
N ASP B 223 22.07 -17.12 23.79
CA ASP B 223 20.83 -17.07 24.55
C ASP B 223 20.17 -18.44 24.58
N ALA B 224 19.42 -18.70 25.65
CA ALA B 224 18.82 -20.02 25.84
C ALA B 224 17.64 -20.28 24.92
N ASN B 225 17.01 -19.23 24.36
CA ASN B 225 15.87 -19.41 23.49
C ASN B 225 16.20 -19.18 22.01
N LEU B 226 17.48 -19.23 21.65
CA LEU B 226 17.83 -19.10 20.24
C LEU B 226 17.34 -20.30 19.44
N ASP B 227 17.28 -21.47 20.09
CA ASP B 227 16.89 -22.70 19.42
C ASP B 227 15.48 -22.64 18.88
N TYR B 228 14.59 -21.89 19.54
CA TYR B 228 13.21 -21.79 19.06
C TYR B 228 13.14 -21.03 17.74
N TYR B 229 13.87 -19.92 17.63
CA TYR B 229 13.80 -19.10 16.44
C TYR B 229 14.56 -19.70 15.26
N ASN B 230 15.54 -20.57 15.51
CA ASN B 230 16.05 -21.40 14.42
C ASN B 230 15.02 -22.44 14.00
N PHE B 231 14.21 -22.91 14.96
CA PHE B 231 13.16 -23.89 14.69
C PHE B 231 11.94 -23.22 14.06
N ASN B 232 11.64 -21.98 14.43
CA ASN B 232 10.49 -21.26 13.93
C ASN B 232 10.91 -19.82 13.66
N PRO B 233 11.46 -19.55 12.47
CA PRO B 233 12.01 -18.21 12.20
C PRO B 233 10.97 -17.09 12.25
N MET B 234 9.75 -17.35 11.79
CA MET B 234 8.72 -16.31 11.80
C MET B 234 8.20 -16.03 13.21
N GLY B 235 8.47 -16.91 14.16
CA GLY B 235 8.00 -16.70 15.52
C GLY B 235 6.52 -16.94 15.74
N ILE B 236 5.84 -17.58 14.79
CA ILE B 236 4.43 -17.90 14.96
C ILE B 236 4.30 -19.03 15.97
N LYS B 237 4.00 -18.68 17.23
CA LYS B 237 3.88 -19.70 18.25
C LYS B 237 2.66 -20.59 18.00
N SER B 238 1.54 -20.00 17.59
CA SER B 238 0.39 -20.77 17.15
C SER B 238 -0.55 -19.87 16.36
N LEU B 239 -1.43 -20.51 15.60
CA LEU B 239 -2.52 -19.84 14.91
C LEU B 239 -3.70 -20.79 14.85
N PHE B 240 -4.90 -20.23 14.86
CA PHE B 240 -6.10 -21.06 14.91
C PHE B 240 -7.32 -20.20 14.65
N PHE B 241 -8.41 -20.87 14.28
CA PHE B 241 -9.72 -20.27 14.32
C PHE B 241 -10.23 -20.26 15.75
N SER B 242 -10.92 -19.19 16.13
CA SER B 242 -11.58 -19.19 17.43
C SER B 242 -12.74 -20.17 17.40
N SER B 243 -13.32 -20.42 18.59
CA SER B 243 -14.46 -21.31 18.66
C SER B 243 -15.65 -20.79 17.86
N TYR B 244 -15.70 -19.50 17.58
CA TYR B 244 -16.75 -18.89 16.77
C TYR B 244 -16.34 -18.64 15.33
N GLY B 245 -15.15 -19.10 14.92
CA GLY B 245 -14.75 -19.06 13.54
C GLY B 245 -13.92 -17.86 13.11
N ASP B 246 -13.32 -17.14 14.05
CA ASP B 246 -12.50 -16.02 13.59
C ASP B 246 -11.02 -16.38 13.63
N PRO B 247 -10.26 -16.05 12.59
CA PRO B 247 -8.84 -16.40 12.58
C PRO B 247 -8.06 -15.64 13.64
N CYS B 248 -7.14 -16.35 14.29
CA CYS B 248 -6.27 -15.77 15.31
C CYS B 248 -4.83 -16.19 15.07
N ILE B 249 -3.90 -15.35 15.49
CA ILE B 249 -2.47 -15.64 15.41
C ILE B 249 -1.78 -15.08 16.64
N PHE B 250 -0.70 -15.74 17.05
CA PHE B 250 -0.01 -15.44 18.30
C PHE B 250 1.49 -15.50 18.01
N GLY B 251 2.12 -14.34 17.88
CA GLY B 251 3.50 -14.25 17.46
C GLY B 251 4.48 -14.08 18.61
N SER B 252 5.71 -13.74 18.25
CA SER B 252 6.79 -13.63 19.23
C SER B 252 6.57 -12.50 20.22
N ASP B 253 5.77 -11.50 19.87
CA ASP B 253 5.43 -10.43 20.81
C ASP B 253 4.38 -10.87 21.83
N ASN B 254 3.91 -12.12 21.75
CA ASN B 254 2.99 -12.71 22.72
C ASN B 254 1.67 -11.94 22.80
N THR B 255 1.23 -11.38 21.67
CA THR B 255 -0.04 -10.68 21.57
C THR B 255 -0.98 -11.47 20.67
N LEU B 256 -2.18 -11.75 21.16
CA LEU B 256 -3.18 -12.46 20.38
C LEU B 256 -3.84 -11.50 19.40
N LEU B 257 -3.69 -11.77 18.10
CA LEU B 257 -4.30 -10.97 17.05
C LEU B 257 -5.49 -11.71 16.47
N LEU B 258 -6.62 -11.02 16.37
CA LEU B 258 -7.85 -11.60 15.82
C LEU B 258 -8.24 -10.81 14.58
N LEU B 259 -8.61 -11.52 13.52
CA LEU B 259 -9.02 -10.90 12.27
C LEU B 259 -10.51 -10.61 12.33
N SER B 260 -10.87 -9.33 12.30
CA SER B 260 -12.25 -8.87 12.36
C SER B 260 -12.75 -8.52 10.96
N LYS B 261 -14.06 -8.67 10.75
CA LYS B 261 -14.73 -8.23 9.53
C LYS B 261 -14.15 -8.92 8.28
N TRP B 262 -13.73 -10.18 8.43
CA TRP B 262 -13.10 -10.86 7.31
C TRP B 262 -14.10 -11.21 6.20
N ARG B 263 -15.39 -11.11 6.46
CA ARG B 263 -16.39 -11.32 5.41
C ARG B 263 -16.55 -10.09 4.52
N SER B 264 -16.07 -8.93 4.97
CA SER B 264 -16.07 -7.71 4.16
C SER B 264 -14.63 -7.34 3.81
N PRO B 265 -14.19 -7.55 2.57
CA PRO B 265 -12.77 -7.34 2.25
C PRO B 265 -12.27 -5.94 2.53
N GLU B 266 -13.10 -4.91 2.39
CA GLU B 266 -12.67 -3.55 2.60
C GLU B 266 -12.70 -3.13 4.07
N GLU B 267 -13.31 -3.95 4.94
CA GLU B 267 -13.44 -3.63 6.35
C GLU B 267 -12.61 -4.52 7.25
N SER B 268 -11.92 -5.52 6.70
CA SER B 268 -11.19 -6.46 7.52
C SER B 268 -10.03 -5.78 8.24
N LYS B 269 -9.86 -6.11 9.52
CA LYS B 269 -8.81 -5.52 10.34
C LYS B 269 -8.34 -6.55 11.36
N TRP B 270 -7.07 -6.48 11.70
CA TRP B 270 -6.50 -7.31 12.76
C TRP B 270 -6.56 -6.56 14.08
N LEU B 271 -7.13 -7.21 15.10
CA LEU B 271 -7.35 -6.57 16.39
C LEU B 271 -6.48 -7.22 17.45
N PRO B 272 -5.60 -6.46 18.12
CA PRO B 272 -4.91 -7.02 19.29
C PRO B 272 -5.84 -7.09 20.48
N ILE B 273 -6.23 -8.31 20.87
CA ILE B 273 -7.23 -8.52 21.92
C ILE B 273 -6.63 -9.06 23.20
N LEU B 274 -5.32 -9.31 23.25
CA LEU B 274 -4.71 -9.82 24.47
C LEU B 274 -3.20 -9.59 24.42
N ASP B 275 -2.70 -8.77 25.34
CA ASP B 275 -1.26 -8.59 25.57
C ASP B 275 -0.90 -9.50 26.74
N SER B 276 -0.46 -10.72 26.43
CA SER B 276 -0.21 -11.70 27.48
C SER B 276 0.97 -11.31 28.36
N ASN B 277 1.92 -10.55 27.83
CA ASN B 277 2.99 -10.02 28.68
C ASN B 277 2.42 -9.11 29.76
N MET B 278 1.41 -8.31 29.41
CA MET B 278 0.79 -7.42 30.39
C MET B 278 -0.01 -8.20 31.42
N GLU B 279 -0.65 -9.29 31.00
CA GLU B 279 -1.43 -10.11 31.94
C GLU B 279 -0.52 -10.83 32.93
N ILE B 280 0.62 -11.34 32.44
CA ILE B 280 1.60 -11.94 33.34
C ILE B 280 2.12 -10.90 34.33
N TRP B 281 2.33 -9.68 33.86
CA TRP B 281 2.76 -8.59 34.74
C TRP B 281 1.72 -8.30 35.81
N LYS B 282 0.44 -8.25 35.42
CA LYS B 282 -0.62 -8.02 36.39
C LYS B 282 -0.80 -9.20 37.33
N MET B 283 -0.57 -10.42 36.84
CA MET B 283 -0.68 -11.59 37.71
C MET B 283 0.42 -11.59 38.76
N SER B 284 1.60 -11.10 38.41
CA SER B 284 2.75 -11.04 39.32
C SER B 284 2.68 -9.85 40.27
N GLY B 285 1.52 -9.23 40.44
CA GLY B 285 1.40 -8.08 41.32
C GLY B 285 2.13 -6.84 40.82
N GLY B 286 2.23 -6.66 39.52
CA GLY B 286 2.89 -5.49 38.98
C GLY B 286 4.39 -5.56 38.94
N LYS B 287 4.97 -6.75 38.91
CA LYS B 287 6.41 -6.95 38.94
C LYS B 287 6.88 -7.55 37.62
N GLU B 288 8.00 -7.04 37.11
CA GLU B 288 8.57 -7.53 35.86
C GLU B 288 9.27 -8.86 36.10
N THR B 289 8.74 -9.92 35.52
CA THR B 289 9.33 -11.26 35.61
C THR B 289 9.81 -11.72 34.26
N THR B 290 10.78 -12.65 34.27
CA THR B 290 11.33 -13.23 33.05
C THR B 290 11.32 -14.75 33.09
N ASP B 291 10.47 -15.35 33.92
CA ASP B 291 10.41 -16.81 34.05
C ASP B 291 9.04 -17.40 33.73
N ILE B 292 8.03 -16.58 33.44
CA ILE B 292 6.68 -17.05 33.13
C ILE B 292 6.36 -16.70 31.69
N HIS B 293 5.87 -17.69 30.94
CA HIS B 293 5.55 -17.50 29.53
C HIS B 293 4.24 -18.18 29.21
N VAL B 294 3.60 -17.70 28.14
CA VAL B 294 2.30 -18.18 27.68
C VAL B 294 2.49 -18.97 26.39
N TRP B 295 1.90 -20.16 26.33
CA TRP B 295 1.91 -20.98 25.12
C TRP B 295 0.48 -21.16 24.64
N PRO B 296 0.08 -20.55 23.53
CA PRO B 296 -1.34 -20.49 23.18
C PRO B 296 -1.86 -21.79 22.59
N LEU B 297 -3.04 -22.20 23.05
CA LEU B 297 -3.70 -23.40 22.56
C LEU B 297 -4.92 -23.10 21.70
N ALA B 298 -5.81 -22.21 22.15
CA ALA B 298 -7.06 -21.94 21.44
C ALA B 298 -7.69 -20.69 22.06
N LEU B 299 -8.66 -20.13 21.34
CA LEU B 299 -9.48 -19.03 21.84
C LEU B 299 -10.92 -19.51 21.94
N ALA B 300 -11.42 -19.64 23.17
CA ALA B 300 -12.80 -20.02 23.44
C ALA B 300 -13.60 -18.75 23.75
N TYR B 301 -14.19 -18.17 22.70
CA TYR B 301 -15.04 -16.98 22.81
C TYR B 301 -14.27 -15.80 23.40
N ASP B 302 -14.05 -15.79 24.71
CA ASP B 302 -13.42 -14.66 25.38
C ASP B 302 -12.22 -15.09 26.22
N THR B 303 -11.81 -16.35 26.14
CA THR B 303 -10.78 -16.90 27.01
C THR B 303 -9.72 -17.58 26.16
N LEU B 304 -8.45 -17.25 26.41
CA LEU B 304 -7.33 -17.90 25.76
C LEU B 304 -6.93 -19.14 26.55
N ASN B 305 -7.12 -20.31 25.95
N ASN B 305 -7.11 -20.31 25.95
CA ASN B 305 -6.59 -21.55 26.52
CA ASN B 305 -6.60 -21.54 26.53
C ASN B 305 -5.09 -21.61 26.26
C ASN B 305 -5.10 -21.62 26.26
N CYS B 306 -4.31 -21.86 27.31
CA CYS B 306 -2.87 -21.81 27.19
C CYS B 306 -2.19 -22.69 28.23
N ILE B 307 -0.89 -22.88 28.02
CA ILE B 307 0.00 -23.49 29.00
C ILE B 307 0.84 -22.39 29.60
N LEU B 308 0.88 -22.32 30.93
CA LEU B 308 1.74 -21.38 31.63
C LEU B 308 3.10 -22.05 31.83
N VAL B 309 4.09 -21.60 31.06
CA VAL B 309 5.42 -22.19 31.07
C VAL B 309 6.28 -21.46 32.08
N LYS B 310 6.82 -22.19 33.05
CA LYS B 310 7.69 -21.65 34.09
C LYS B 310 9.08 -22.23 33.91
N GLY B 311 10.04 -21.40 33.54
CA GLY B 311 11.40 -21.85 33.33
C GLY B 311 12.17 -20.88 32.46
N LYS B 312 13.40 -21.28 32.13
CA LYS B 312 14.25 -20.43 31.29
C LYS B 312 13.72 -20.38 29.86
N HIS B 313 13.24 -21.51 29.35
CA HIS B 313 12.77 -21.55 27.97
C HIS B 313 11.33 -21.07 27.88
N ILE B 314 11.00 -20.47 26.72
CA ILE B 314 9.65 -19.93 26.51
C ILE B 314 8.66 -20.97 26.06
N TRP B 315 9.10 -22.19 25.72
CA TRP B 315 8.20 -23.23 25.28
C TRP B 315 8.05 -24.31 26.36
N PRO B 316 6.90 -24.99 26.41
CA PRO B 316 6.71 -26.00 27.45
C PRO B 316 7.55 -27.24 27.19
N GLU B 317 7.83 -27.96 28.28
CA GLU B 317 8.64 -29.18 28.21
C GLU B 317 7.84 -30.30 28.87
N PHE B 318 8.55 -31.36 29.27
CA PHE B 318 7.93 -32.56 29.82
C PHE B 318 8.20 -32.66 31.31
N PRO B 319 7.19 -32.96 32.14
CA PRO B 319 5.80 -33.20 31.72
C PRO B 319 5.03 -31.92 31.43
N LEU B 320 3.93 -32.04 30.69
CA LEU B 320 3.15 -30.87 30.31
C LEU B 320 2.25 -30.47 31.49
N PRO B 321 2.22 -29.19 31.85
CA PRO B 321 1.31 -28.74 32.92
C PRO B 321 -0.14 -28.84 32.47
N LEU B 322 -1.03 -28.71 33.44
CA LEU B 322 -2.45 -28.63 33.12
C LEU B 322 -2.75 -27.33 32.40
N PRO B 323 -3.66 -27.33 31.43
CA PRO B 323 -3.97 -26.09 30.70
C PRO B 323 -4.57 -25.04 31.63
N SER B 324 -4.24 -23.78 31.36
CA SER B 324 -4.76 -22.64 32.09
C SER B 324 -5.69 -21.84 31.18
N GLU B 325 -6.39 -20.88 31.79
CA GLU B 325 -7.28 -19.99 31.09
C GLU B 325 -6.88 -18.55 31.36
N MET B 326 -6.77 -17.76 30.30
CA MET B 326 -6.44 -16.33 30.41
C MET B 326 -7.48 -15.55 29.62
N GLU B 327 -8.29 -14.75 30.33
CA GLU B 327 -9.30 -13.95 29.66
C GLU B 327 -8.64 -12.86 28.82
N ILE B 328 -9.24 -12.58 27.66
CA ILE B 328 -8.70 -11.54 26.80
C ILE B 328 -8.96 -10.18 27.40
N ARG B 329 -8.05 -9.24 27.14
CA ARG B 329 -8.18 -7.87 27.62
C ARG B 329 -7.69 -6.93 26.52
N MET B 330 -8.47 -5.90 26.25
CA MET B 330 -8.02 -4.90 25.28
C MET B 330 -6.78 -4.20 25.80
N PRO B 331 -5.76 -3.99 24.97
CA PRO B 331 -4.51 -3.37 25.44
C PRO B 331 -4.64 -1.86 25.64
N VAL B 332 -5.34 -1.49 26.70
CA VAL B 332 -5.54 -0.08 27.05
C VAL B 332 -5.04 0.25 28.44
N PHE B 333 -4.59 -0.72 29.22
CA PHE B 333 -4.07 -0.46 30.56
C PHE B 333 -2.61 -0.03 30.49
N VAL B 334 -2.25 0.94 31.32
CA VAL B 334 -0.89 1.47 31.39
C VAL B 334 -0.29 1.06 32.72
N LYS B 335 0.95 0.56 32.68
CA LYS B 335 1.59 0.06 33.89
C LYS B 335 1.70 1.13 34.96
N SER B 336 2.13 2.33 34.57
CA SER B 336 2.33 3.41 35.54
C SER B 336 1.02 3.76 36.25
N LYS B 337 -0.07 3.88 35.49
CA LYS B 337 -1.35 4.20 36.10
C LYS B 337 -1.85 3.07 37.00
N LEU B 338 -1.53 1.81 36.64
CA LEU B 338 -1.97 0.69 37.47
C LEU B 338 -1.20 0.62 38.78
N LEU B 339 0.07 1.02 38.78
CA LEU B 339 0.85 1.01 40.01
C LEU B 339 0.33 2.03 41.01
N GLU B 340 -0.15 3.18 40.52
CA GLU B 340 -0.65 4.22 41.41
C GLU B 340 -1.93 3.79 42.12
N GLU B 341 -2.73 2.94 41.49
CA GLU B 341 -3.96 2.45 42.10
C GLU B 341 -3.72 1.26 43.02
N ASN B 342 -2.49 1.04 43.45
CA ASN B 342 -2.15 -0.06 44.35
C ASN B 342 -1.21 0.42 45.46
N GLU B 366 -1.84 -9.59 43.75
CA GLU B 366 -2.29 -9.39 42.38
C GLU B 366 -2.82 -7.97 42.19
N ILE B 367 -2.62 -7.43 40.99
CA ILE B 367 -2.93 -6.02 40.73
C ILE B 367 -4.43 -5.79 40.78
N GLN B 368 -4.84 -4.72 41.46
CA GLN B 368 -6.23 -4.30 41.53
C GLN B 368 -6.47 -3.17 40.54
N ILE B 369 -7.57 -3.26 39.79
CA ILE B 369 -7.90 -2.31 38.74
C ILE B 369 -9.00 -1.39 39.25
N PRO B 370 -8.88 -0.07 39.11
CA PRO B 370 -9.99 0.81 39.49
C PRO B 370 -11.19 0.58 38.59
N VAL B 371 -12.38 0.62 39.21
CA VAL B 371 -13.61 0.28 38.49
C VAL B 371 -13.85 1.23 37.32
N SER B 372 -13.38 2.47 37.43
CA SER B 372 -13.55 3.42 36.34
C SER B 372 -12.63 3.08 35.17
N MET B 373 -11.37 2.72 35.45
CA MET B 373 -10.46 2.34 34.38
C MET B 373 -10.83 0.98 33.81
N ALA B 374 -11.37 0.09 34.64
CA ALA B 374 -11.81 -1.21 34.14
C ALA B 374 -13.03 -1.09 33.24
N ALA B 375 -13.82 -0.03 33.40
CA ALA B 375 -15.01 0.14 32.57
C ALA B 375 -14.65 0.43 31.13
N GLU B 376 -13.60 1.22 30.90
CA GLU B 376 -13.21 1.54 29.53
C GLU B 376 -12.78 0.30 28.77
N GLU B 377 -11.97 -0.56 29.42
CA GLU B 377 -11.57 -1.80 28.78
C GLU B 377 -12.76 -2.73 28.57
N GLU B 378 -13.65 -2.83 29.56
CA GLU B 378 -14.79 -3.73 29.44
C GLU B 378 -15.74 -3.26 28.34
N TYR B 379 -15.90 -1.94 28.20
CA TYR B 379 -16.72 -1.41 27.11
C TYR B 379 -16.11 -1.74 25.75
N LEU B 380 -14.79 -1.55 25.63
CA LEU B 380 -14.11 -1.86 24.37
C LEU B 380 -14.16 -3.35 24.05
N ARG B 381 -13.91 -4.19 25.06
CA ARG B 381 -13.93 -5.63 24.85
C ARG B 381 -15.33 -6.11 24.47
N SER B 382 -16.36 -5.60 25.17
CA SER B 382 -17.73 -5.96 24.82
C SER B 382 -18.09 -5.47 23.42
N LYS B 383 -17.63 -4.27 23.05
CA LYS B 383 -17.91 -3.74 21.72
C LYS B 383 -17.31 -4.64 20.64
N VAL B 384 -16.06 -5.08 20.84
CA VAL B 384 -15.39 -5.92 19.84
C VAL B 384 -16.07 -7.28 19.75
N LEU B 385 -16.29 -7.92 20.91
CA LEU B 385 -16.88 -9.26 20.91
C LEU B 385 -18.31 -9.24 20.38
N SER B 386 -19.08 -8.21 20.71
CA SER B 386 -20.45 -8.12 20.21
C SER B 386 -20.47 -7.97 18.69
N GLU B 387 -19.59 -7.15 18.15
CA GLU B 387 -19.54 -6.94 16.71
C GLU B 387 -19.13 -8.22 15.99
N LEU B 388 -18.15 -8.93 16.52
CA LEU B 388 -17.73 -10.20 15.93
C LEU B 388 -18.86 -11.22 15.96
N LEU B 389 -19.51 -11.38 17.12
CA LEU B 389 -20.54 -12.40 17.27
C LEU B 389 -21.78 -12.06 16.46
N THR B 390 -22.12 -10.77 16.34
CA THR B 390 -23.23 -10.38 15.48
C THR B 390 -22.97 -10.76 14.02
N ASP B 391 -21.74 -10.53 13.55
CA ASP B 391 -21.38 -10.94 12.19
C ASP B 391 -21.44 -12.45 12.04
N THR B 392 -21.03 -13.19 13.07
CA THR B 392 -21.07 -14.65 13.01
C THR B 392 -22.50 -15.15 12.88
N LEU B 393 -23.40 -14.64 13.72
CA LEU B 393 -24.77 -15.14 13.74
C LEU B 393 -25.56 -14.75 12.49
N GLU B 394 -25.28 -13.57 11.92
CA GLU B 394 -26.01 -13.12 10.74
C GLU B 394 -25.55 -13.80 9.46
N ASN B 395 -24.44 -14.52 9.48
CA ASN B 395 -23.89 -15.16 8.30
C ASN B 395 -23.84 -16.67 8.42
N ASP B 396 -23.39 -17.19 9.57
CA ASP B 396 -23.28 -18.63 9.77
C ASP B 396 -24.35 -19.20 10.69
N GLY B 397 -25.06 -18.36 11.43
CA GLY B 397 -26.03 -18.84 12.39
C GLY B 397 -25.34 -19.45 13.60
N GLU B 398 -26.13 -20.17 14.40
CA GLU B 398 -25.59 -20.80 15.59
C GLU B 398 -24.88 -22.10 15.23
N MET B 399 -23.83 -22.39 15.97
CA MET B 399 -23.08 -23.64 15.87
C MET B 399 -23.11 -24.44 17.16
N TYR B 400 -23.31 -23.78 18.31
CA TYR B 400 -23.42 -24.46 19.59
C TYR B 400 -24.83 -24.39 20.18
N GLY B 401 -25.69 -23.51 19.67
CA GLY B 401 -27.08 -23.48 20.08
C GLY B 401 -27.44 -22.43 21.11
N ASN B 402 -26.44 -21.75 21.70
CA ASN B 402 -26.71 -20.77 22.75
C ASN B 402 -26.06 -19.41 22.46
N GLU B 403 -25.69 -19.15 21.21
CA GLU B 403 -24.94 -17.93 20.90
C GLU B 403 -25.80 -16.68 21.10
N ASN B 404 -27.09 -16.77 20.80
CA ASN B 404 -27.96 -15.60 20.97
C ASN B 404 -28.02 -15.17 22.43
N GLU B 405 -28.05 -16.13 23.36
CA GLU B 405 -28.03 -15.77 24.77
C GLU B 405 -26.67 -15.20 25.15
N VAL B 406 -25.60 -15.71 24.54
CA VAL B 406 -24.26 -15.16 24.78
C VAL B 406 -24.20 -13.73 24.24
N LEU B 407 -24.75 -13.51 23.04
CA LEU B 407 -24.75 -12.16 22.46
C LEU B 407 -25.63 -11.22 23.27
N ALA B 408 -26.76 -11.70 23.79
CA ALA B 408 -27.65 -10.85 24.58
C ALA B 408 -26.96 -10.42 25.87
N ALA B 409 -26.33 -11.36 26.58
CA ALA B 409 -25.58 -11.00 27.77
C ALA B 409 -24.43 -10.05 27.42
N LEU B 410 -23.84 -10.24 26.24
CA LEU B 410 -22.73 -9.37 25.82
C LEU B 410 -23.20 -7.92 25.67
N ASN B 411 -24.30 -7.70 24.96
CA ASN B 411 -24.84 -6.36 24.79
C ASN B 411 -25.24 -5.75 26.14
N GLY B 412 -25.68 -6.57 27.08
CA GLY B 412 -25.96 -6.07 28.42
C GLY B 412 -24.73 -5.53 29.10
N ALA B 413 -23.64 -6.31 29.08
CA ALA B 413 -22.38 -5.84 29.66
C ALA B 413 -21.86 -4.62 28.93
N TYR B 414 -22.10 -4.53 27.61
CA TYR B 414 -21.70 -3.36 26.84
C TYR B 414 -22.34 -2.09 27.39
N ASP B 415 -23.66 -2.08 27.51
CA ASP B 415 -24.36 -0.89 28.01
C ASP B 415 -23.99 -0.62 29.46
N LYS B 416 -23.83 -1.66 30.27
CA LYS B 416 -23.53 -1.48 31.68
C LYS B 416 -22.18 -0.79 31.87
N ALA B 417 -21.16 -1.26 31.14
CA ALA B 417 -19.85 -0.61 31.22
C ALA B 417 -19.90 0.80 30.64
N LEU B 418 -20.68 0.99 29.58
CA LEU B 418 -20.84 2.31 28.99
C LEU B 418 -21.50 3.28 29.96
N LEU B 419 -22.50 2.80 30.72
CA LEU B 419 -23.17 3.65 31.70
C LEU B 419 -22.24 4.07 32.83
N ARG B 420 -21.25 3.23 33.16
CA ARG B 420 -20.27 3.63 34.18
C ARG B 420 -19.37 4.75 33.67
N LEU B 421 -18.91 4.66 32.43
CA LEU B 421 -18.17 5.77 31.84
C LEU B 421 -19.04 7.02 31.76
N PHE B 422 -20.33 6.83 31.48
CA PHE B 422 -21.26 7.95 31.44
C PHE B 422 -21.38 8.62 32.80
N ALA B 423 -21.39 7.83 33.86
CA ALA B 423 -21.48 8.39 35.22
C ALA B 423 -20.22 9.17 35.58
N SER B 424 -19.05 8.68 35.16
CA SER B 424 -17.81 9.41 35.41
C SER B 424 -17.80 10.73 34.65
N ALA B 425 -18.32 10.73 33.42
CA ALA B 425 -18.40 11.98 32.66
C ALA B 425 -19.36 12.96 33.32
N CYS B 426 -20.47 12.46 33.87
CA CYS B 426 -21.39 13.33 34.60
C CYS B 426 -20.77 13.84 35.89
N SER B 427 -20.08 12.96 36.62
CA SER B 427 -19.43 13.36 37.86
C SER B 427 -18.36 14.42 37.61
N ASP B 428 -17.70 14.38 36.46
CA ASP B 428 -16.69 15.36 36.09
C ASP B 428 -17.31 16.57 35.39
N GLN B 429 -18.64 16.68 35.37
CA GLN B 429 -19.37 17.78 34.74
C GLN B 429 -19.09 17.91 33.25
N ASN B 430 -18.57 16.84 32.62
CA ASN B 430 -18.25 16.87 31.19
C ASN B 430 -19.49 16.42 30.41
N VAL B 431 -20.38 17.39 30.18
CA VAL B 431 -21.66 17.10 29.54
C VAL B 431 -21.46 16.65 28.10
N GLU B 432 -20.48 17.23 27.40
CA GLU B 432 -20.26 16.87 26.00
C GLU B 432 -19.78 15.44 25.87
N LYS B 433 -18.80 15.04 26.70
CA LYS B 433 -18.30 13.67 26.66
C LYS B 433 -19.39 12.68 27.09
N ALA B 434 -20.26 13.07 28.02
CA ALA B 434 -21.33 12.18 28.45
C ALA B 434 -22.34 11.93 27.33
N LEU B 435 -22.69 12.98 26.57
CA LEU B 435 -23.64 12.82 25.48
C LEU B 435 -23.10 11.90 24.40
N SER B 436 -21.81 12.01 24.09
CA SER B 436 -21.21 11.12 23.09
C SER B 436 -21.22 9.68 23.56
N LEU B 437 -21.05 9.46 24.87
CA LEU B 437 -21.16 8.10 25.41
C LEU B 437 -22.58 7.57 25.31
N ALA B 438 -23.57 8.44 25.52
CA ALA B 438 -24.96 8.01 25.44
C ALA B 438 -25.35 7.61 24.01
N HIS B 439 -24.73 8.23 23.00
CA HIS B 439 -25.01 7.87 21.63
C HIS B 439 -24.60 6.43 21.31
N GLU B 440 -23.62 5.90 22.03
CA GLU B 440 -23.12 4.56 21.79
C GLU B 440 -23.93 3.48 22.51
N LEU B 441 -24.93 3.86 23.30
CA LEU B 441 -25.75 2.88 24.00
C LEU B 441 -26.61 2.10 23.00
N LYS B 442 -26.87 0.84 23.33
CA LYS B 442 -27.64 -0.05 22.45
C LYS B 442 -29.12 -0.06 22.84
N GLN B 443 -29.42 -0.57 24.03
CA GLN B 443 -30.81 -0.73 24.44
C GLN B 443 -31.46 0.61 24.72
N ASP B 444 -32.74 0.72 24.37
CA ASP B 444 -33.50 1.92 24.71
C ASP B 444 -33.67 2.05 26.22
N ARG B 445 -33.74 0.92 26.93
CA ARG B 445 -33.79 0.96 28.38
C ARG B 445 -32.48 1.45 28.98
N ALA B 446 -31.37 1.34 28.25
CA ALA B 446 -30.11 1.90 28.71
C ALA B 446 -30.08 3.41 28.56
N LEU B 447 -30.75 3.94 27.53
CA LEU B 447 -30.95 5.39 27.44
C LEU B 447 -31.74 5.90 28.63
N THR B 448 -32.72 5.12 29.10
CA THR B 448 -33.48 5.49 30.28
C THR B 448 -32.58 5.53 31.51
N ALA B 449 -31.72 4.54 31.67
CA ALA B 449 -30.78 4.54 32.79
C ALA B 449 -29.88 5.77 32.75
N ALA B 450 -29.47 6.19 31.55
CA ALA B 450 -28.65 7.39 31.43
C ALA B 450 -29.43 8.63 31.83
N VAL B 451 -30.72 8.70 31.49
CA VAL B 451 -31.56 9.80 31.92
C VAL B 451 -31.61 9.86 33.45
N LYS B 452 -31.80 8.70 34.08
CA LYS B 452 -31.86 8.67 35.54
C LYS B 452 -30.53 9.02 36.17
N ILE B 453 -29.41 8.67 35.54
CA ILE B 453 -28.11 9.08 36.04
C ILE B 453 -27.93 10.59 35.86
N SER B 454 -28.43 11.13 34.74
CA SER B 454 -28.34 12.57 34.51
C SER B 454 -29.20 13.35 35.50
N GLU B 455 -30.39 12.85 35.81
CA GLU B 455 -31.23 13.50 36.81
C GLU B 455 -30.57 13.48 38.18
N ARG B 456 -30.01 12.34 38.56
CA ARG B 456 -29.31 12.23 39.84
C ARG B 456 -28.07 13.12 39.89
N ALA B 457 -27.53 13.49 38.73
CA ALA B 457 -26.42 14.43 38.67
C ALA B 457 -26.87 15.87 38.48
N GLU B 458 -28.17 16.11 38.34
CA GLU B 458 -28.75 17.44 38.18
C GLU B 458 -28.16 18.14 36.95
N LEU B 459 -28.26 17.47 35.80
CA LEU B 459 -27.84 18.00 34.50
C LEU B 459 -29.06 18.00 33.59
N PRO B 460 -29.96 18.97 33.74
CA PRO B 460 -31.22 18.93 32.99
C PRO B 460 -31.04 19.12 31.49
N SER B 461 -30.00 19.86 31.06
CA SER B 461 -29.76 20.00 29.63
C SER B 461 -29.33 18.68 29.01
N LEU B 462 -28.60 17.86 29.77
CA LEU B 462 -28.21 16.54 29.28
C LEU B 462 -29.41 15.61 29.18
N VAL B 463 -30.35 15.72 30.12
CA VAL B 463 -31.56 14.90 30.09
C VAL B 463 -32.34 15.13 28.80
N LYS B 464 -32.47 16.40 28.40
CA LYS B 464 -33.24 16.71 27.19
C LYS B 464 -32.56 16.16 25.95
N LYS B 465 -31.23 16.22 25.90
CA LYS B 465 -30.51 15.74 24.72
C LYS B 465 -30.54 14.23 24.60
N ILE B 466 -30.52 13.51 25.74
CA ILE B 466 -30.63 12.06 25.69
C ILE B 466 -32.02 11.64 25.26
N ASN B 467 -33.05 12.36 25.70
CA ASN B 467 -34.40 12.07 25.25
C ASN B 467 -34.58 12.39 23.78
N ASN B 468 -33.81 13.34 23.25
CA ASN B 468 -33.79 13.58 21.81
C ASN B 468 -33.22 12.38 21.06
N ILE B 469 -32.25 11.68 21.66
CA ILE B 469 -31.73 10.46 21.05
C ILE B 469 -32.84 9.42 20.93
N ARG B 470 -33.64 9.27 21.99
CA ARG B 470 -34.76 8.33 21.96
C ARG B 470 -35.75 8.70 20.86
N GLU B 471 -36.04 9.99 20.70
CA GLU B 471 -36.94 10.42 19.64
C GLU B 471 -36.36 10.11 18.26
N ALA B 472 -35.06 10.35 18.08
CA ALA B 472 -34.44 10.12 16.78
C ALA B 472 -34.44 8.64 16.41
N ARG B 473 -34.20 7.76 17.39
CA ARG B 473 -34.24 6.33 17.12
C ARG B 473 -35.66 5.84 16.87
N TYR B 474 -36.66 6.57 17.36
CA TYR B 474 -38.05 6.24 17.02
C TYR B 474 -38.39 6.63 15.60
N GLU B 475 -37.82 7.73 15.11
CA GLU B 475 -38.09 8.18 13.75
C GLU B 475 -37.42 7.27 12.72
N GLN B 476 -36.18 6.84 13.01
CA GLN B 476 -35.47 5.98 12.07
C GLN B 476 -36.07 4.59 12.00
N GLN B 477 -36.70 4.12 13.09
CA GLN B 477 -37.34 2.81 13.08
C GLN B 477 -38.59 2.78 12.20
N LEU B 478 -39.14 3.94 11.87
CA LEU B 478 -40.33 4.02 11.03
C LEU B 478 -40.00 4.15 9.55
N LYS B 479 -38.72 4.23 9.19
CA LYS B 479 -38.33 4.35 7.79
C LYS B 479 -37.83 3.01 7.25
N PHE C 26 22.78 0.97 -7.79
CA PHE C 26 22.42 0.58 -9.15
C PHE C 26 22.21 1.79 -10.05
N ARG C 27 22.76 1.72 -11.26
CA ARG C 27 22.68 2.80 -12.24
C ARG C 27 21.73 2.39 -13.35
N TYR C 28 20.80 3.30 -13.69
CA TYR C 28 19.80 3.04 -14.71
C TYR C 28 20.37 3.30 -16.09
N MET C 29 20.35 2.27 -16.96
CA MET C 29 20.83 2.39 -18.31
C MET C 29 19.66 2.54 -19.27
N PRO C 30 19.83 3.28 -20.37
CA PRO C 30 18.74 3.43 -21.35
C PRO C 30 18.41 2.10 -22.01
N PHE C 31 17.14 1.71 -21.93
CA PHE C 31 16.68 0.41 -22.42
C PHE C 31 15.84 0.57 -23.67
N SER C 32 16.00 -0.36 -24.59
CA SER C 32 15.15 -0.49 -25.77
C SER C 32 15.03 -1.97 -26.11
N PRO C 33 13.88 -2.42 -26.60
CA PRO C 33 13.70 -3.85 -26.89
C PRO C 33 14.71 -4.36 -27.89
N ALA C 34 15.43 -5.41 -27.51
CA ALA C 34 16.39 -6.12 -28.36
C ALA C 34 17.52 -5.23 -28.84
N GLY C 35 17.81 -4.14 -28.13
CA GLY C 35 18.94 -3.31 -28.49
C GLY C 35 20.26 -3.97 -28.14
N THR C 36 21.29 -3.59 -28.88
CA THR C 36 22.63 -4.15 -28.74
C THR C 36 23.63 -3.05 -28.39
N PRO C 37 24.74 -3.41 -27.75
CA PRO C 37 25.77 -2.41 -27.44
C PRO C 37 26.73 -2.18 -28.60
N PHE C 38 27.44 -1.05 -28.51
CA PHE C 38 28.49 -0.76 -29.48
C PHE C 38 29.60 -1.80 -29.42
N GLY C 39 30.01 -2.18 -28.21
CA GLY C 39 31.16 -3.06 -28.07
C GLY C 39 32.41 -2.33 -28.50
N PHE C 40 33.20 -2.97 -29.35
CA PHE C 40 34.43 -2.38 -29.88
C PHE C 40 34.23 -1.79 -31.27
N THR C 41 32.98 -1.64 -31.71
CA THR C 41 32.67 -1.11 -33.03
C THR C 41 32.03 0.27 -32.91
N ASP C 42 31.71 0.86 -34.06
CA ASP C 42 31.08 2.17 -34.12
C ASP C 42 29.60 2.10 -34.50
N ARG C 43 29.00 0.91 -34.47
CA ARG C 43 27.60 0.75 -34.83
C ARG C 43 26.94 -0.26 -33.91
N ARG C 44 25.62 -0.13 -33.78
CA ARG C 44 24.82 -1.01 -32.95
C ARG C 44 23.37 -0.89 -33.38
N TYR C 45 22.54 -1.76 -32.83
CA TYR C 45 21.09 -1.71 -33.07
C TYR C 45 20.41 -1.00 -31.91
N LEU C 46 19.64 0.04 -32.23
CA LEU C 46 18.87 0.74 -31.19
C LEU C 46 17.74 -0.15 -30.68
N THR C 47 16.94 -0.71 -31.58
CA THR C 47 15.86 -1.59 -31.20
C THR C 47 15.59 -2.55 -32.36
N MET C 48 14.68 -3.50 -32.13
CA MET C 48 14.51 -4.62 -33.05
C MET C 48 13.27 -5.43 -32.68
N ASN C 49 12.39 -5.69 -33.65
CA ASN C 49 11.23 -6.55 -33.43
C ASN C 49 10.79 -7.13 -34.77
N GLU C 50 9.53 -7.59 -34.84
CA GLU C 50 9.04 -8.22 -36.06
C GLU C 50 8.84 -7.22 -37.19
N VAL C 51 8.70 -5.93 -36.87
CA VAL C 51 8.53 -4.93 -37.92
C VAL C 51 9.85 -4.68 -38.65
N GLY C 52 10.94 -4.56 -37.89
CA GLY C 52 12.22 -4.27 -38.50
C GLY C 52 13.28 -4.04 -37.45
N TYR C 53 14.31 -3.30 -37.84
CA TYR C 53 15.45 -3.06 -36.97
C TYR C 53 15.99 -1.66 -37.21
N VAL C 54 16.45 -1.01 -36.15
CA VAL C 54 16.96 0.35 -36.19
C VAL C 54 18.41 0.34 -35.73
N SER C 55 19.29 0.89 -36.55
CA SER C 55 20.72 0.92 -36.26
C SER C 55 21.20 2.37 -36.17
N THR C 56 22.30 2.55 -35.44
CA THR C 56 22.98 3.84 -35.34
C THR C 56 24.46 3.62 -35.54
N VAL C 57 25.11 4.54 -36.26
CA VAL C 57 26.52 4.43 -36.61
C VAL C 57 27.23 5.72 -36.19
N LYS C 58 28.31 5.57 -35.43
CA LYS C 58 29.18 6.70 -35.13
C LYS C 58 29.93 7.11 -36.38
N ASN C 59 29.82 8.37 -36.76
CA ASN C 59 30.64 8.90 -37.86
C ASN C 59 31.53 10.01 -37.35
N SER C 60 31.84 10.99 -38.22
CA SER C 60 32.75 12.08 -37.90
C SER C 60 32.37 12.77 -36.59
N GLU C 61 31.39 13.66 -36.63
CA GLU C 61 30.96 14.38 -35.44
C GLU C 61 29.57 14.00 -34.95
N GLN C 62 28.77 13.33 -35.78
CA GLN C 62 27.39 12.99 -35.42
C GLN C 62 27.12 11.49 -35.44
N TYR C 63 25.86 11.14 -35.70
CA TYR C 63 25.41 9.75 -35.78
C TYR C 63 24.49 9.61 -36.98
N SER C 64 24.50 8.41 -37.57
CA SER C 64 23.62 8.08 -38.69
C SER C 64 22.69 6.96 -38.28
N ILE C 65 21.39 7.25 -38.23
CA ILE C 65 20.37 6.27 -37.85
C ILE C 65 19.72 5.73 -39.11
N THR C 66 19.56 4.40 -39.15
CA THR C 66 18.90 3.71 -40.26
C THR C 66 17.72 2.91 -39.74
N VAL C 67 16.55 3.09 -40.36
CA VAL C 67 15.35 2.36 -40.01
C VAL C 67 15.04 1.39 -41.13
N SER C 68 15.21 0.10 -40.88
CA SER C 68 15.00 -0.94 -41.87
C SER C 68 13.82 -1.82 -41.46
N PHE C 69 13.20 -2.45 -42.46
CA PHE C 69 12.00 -3.24 -42.26
C PHE C 69 12.19 -4.63 -42.85
N PHE C 70 11.54 -5.62 -42.22
CA PHE C 70 11.62 -7.00 -42.71
C PHE C 70 10.65 -7.25 -43.86
N ASP C 71 9.50 -6.56 -43.87
CA ASP C 71 8.56 -6.60 -44.99
C ASP C 71 8.93 -5.45 -45.92
N VAL C 72 9.80 -5.73 -46.89
CA VAL C 72 10.31 -4.66 -47.74
C VAL C 72 9.21 -4.06 -48.60
N GLY C 73 8.22 -4.87 -49.00
CA GLY C 73 7.15 -4.35 -49.82
C GLY C 73 6.20 -3.44 -49.09
N ARG C 74 6.14 -3.54 -47.76
CA ARG C 74 5.17 -2.79 -46.96
C ARG C 74 5.66 -1.41 -46.52
N PHE C 75 6.92 -1.29 -46.11
CA PHE C 75 7.45 -0.04 -45.60
C PHE C 75 8.69 0.39 -46.37
N ARG C 76 9.01 1.68 -46.28
CA ARG C 76 10.15 2.24 -46.98
C ARG C 76 11.29 2.45 -45.98
N GLU C 77 12.41 1.77 -46.23
CA GLU C 77 13.61 2.00 -45.43
C GLU C 77 14.12 3.42 -45.62
N TYR C 78 14.60 4.03 -44.54
CA TYR C 78 15.17 5.37 -44.62
C TYR C 78 16.27 5.52 -43.58
N HIS C 79 17.07 6.56 -43.76
CA HIS C 79 18.13 6.91 -42.83
C HIS C 79 18.20 8.43 -42.70
N PHE C 80 18.80 8.89 -41.61
CA PHE C 80 18.92 10.33 -41.38
C PHE C 80 20.07 10.58 -40.42
N GLU C 81 20.56 11.83 -40.45
CA GLU C 81 21.66 12.24 -39.59
C GLU C 81 21.12 12.65 -38.23
N ASP C 82 21.68 12.07 -37.17
CA ASP C 82 21.25 12.29 -35.81
C ASP C 82 22.23 13.26 -35.15
N LEU C 83 21.79 14.50 -34.96
CA LEU C 83 22.62 15.52 -34.33
C LEU C 83 22.53 15.50 -32.80
N PHE C 84 21.72 14.60 -32.24
CA PHE C 84 21.48 14.60 -30.80
C PHE C 84 22.03 13.38 -30.07
N GLY C 85 22.24 12.27 -30.77
CA GLY C 85 22.77 11.08 -30.13
C GLY C 85 21.68 10.27 -29.44
N TYR C 86 20.64 9.92 -30.18
CA TYR C 86 19.56 9.11 -29.63
C TYR C 86 20.08 7.75 -29.20
N ASP C 87 19.84 7.40 -27.95
CA ASP C 87 20.21 6.09 -27.42
C ASP C 87 19.00 5.24 -27.04
N LEU C 88 17.79 5.75 -27.22
CA LEU C 88 16.55 5.03 -26.95
C LEU C 88 15.73 4.95 -28.22
N CYS C 89 15.03 3.84 -28.41
CA CYS C 89 14.20 3.70 -29.61
C CYS C 89 13.10 2.69 -29.35
N PHE C 90 11.97 2.90 -30.02
CA PHE C 90 10.87 1.94 -30.04
C PHE C 90 10.23 1.98 -31.42
N LEU C 91 9.93 0.80 -31.96
CA LEU C 91 9.43 0.64 -33.32
C LEU C 91 8.09 -0.08 -33.30
N ASN C 92 7.12 0.46 -34.03
CA ASN C 92 5.85 -0.23 -34.23
C ASN C 92 5.44 -0.21 -35.69
N GLU C 93 4.22 -0.65 -35.99
CA GLU C 93 3.75 -0.76 -37.36
C GLU C 93 3.41 0.59 -38.00
N LYS C 94 3.34 1.66 -37.21
CA LYS C 94 2.95 2.97 -37.74
C LYS C 94 4.05 4.02 -37.67
N GLY C 95 5.05 3.86 -36.81
CA GLY C 95 6.08 4.87 -36.70
C GLY C 95 7.23 4.39 -35.84
N THR C 96 8.22 5.25 -35.69
CA THR C 96 9.40 4.98 -34.90
C THR C 96 9.59 6.11 -33.90
N LEU C 97 9.86 5.76 -32.64
CA LEU C 97 10.05 6.72 -31.57
C LEU C 97 11.51 6.71 -31.14
N PHE C 98 12.11 7.89 -31.04
CA PHE C 98 13.50 8.03 -30.63
C PHE C 98 13.56 8.86 -29.35
N GLY C 99 14.56 8.59 -28.53
CA GLY C 99 14.74 9.30 -27.28
C GLY C 99 16.20 9.52 -26.97
N GLN C 100 16.45 10.62 -26.25
CA GLN C 100 17.80 10.97 -25.79
C GLN C 100 17.76 10.96 -24.27
N SER C 101 18.48 10.00 -23.67
CA SER C 101 18.30 9.72 -22.25
C SER C 101 18.77 10.88 -21.35
N LYS C 102 19.80 11.61 -21.78
CA LYS C 102 20.38 12.64 -20.92
C LYS C 102 19.76 14.02 -21.15
N THR C 103 19.48 14.37 -22.39
CA THR C 103 18.89 15.67 -22.70
C THR C 103 17.38 15.69 -22.57
N GLY C 104 16.73 14.52 -22.66
CA GLY C 104 15.30 14.44 -22.57
C GLY C 104 14.56 14.66 -23.86
N GLN C 105 15.27 14.78 -24.98
CA GLN C 105 14.62 15.03 -26.27
C GLN C 105 14.13 13.72 -26.88
N ILE C 106 12.91 13.76 -27.41
CA ILE C 106 12.32 12.64 -28.12
C ILE C 106 11.84 13.11 -29.49
N GLN C 107 11.78 12.18 -30.44
CA GLN C 107 11.24 12.46 -31.77
C GLN C 107 10.42 11.27 -32.23
N TYR C 108 9.24 11.52 -32.76
CA TYR C 108 8.40 10.50 -33.35
C TYR C 108 8.36 10.70 -34.87
N ARG C 109 8.68 9.64 -35.60
CA ARG C 109 8.71 9.68 -37.07
C ARG C 109 7.73 8.66 -37.62
N PRO C 110 6.57 9.08 -38.13
CA PRO C 110 5.67 8.13 -38.79
C PRO C 110 6.33 7.51 -40.02
N HIS C 111 5.96 6.25 -40.29
CA HIS C 111 6.50 5.58 -41.48
C HIS C 111 6.00 6.24 -42.75
N ASP C 112 4.71 6.58 -42.82
CA ASP C 112 4.16 7.25 -43.99
C ASP C 112 4.49 8.73 -43.93
N SER C 113 4.82 9.31 -45.10
CA SER C 113 5.16 10.72 -45.17
C SER C 113 3.92 11.62 -45.11
N ILE C 114 2.73 11.03 -45.13
CA ILE C 114 1.50 11.81 -44.96
C ILE C 114 1.52 12.54 -43.63
N HIS C 115 1.90 11.83 -42.57
CA HIS C 115 1.98 12.41 -41.24
C HIS C 115 3.38 12.99 -41.02
N SER C 116 3.46 14.10 -40.31
CA SER C 116 4.72 14.79 -40.10
C SER C 116 5.40 14.33 -38.82
N ASN C 117 6.73 14.43 -38.80
CA ASN C 117 7.49 14.18 -37.59
C ASN C 117 7.22 15.28 -36.56
N TRP C 118 7.48 14.96 -35.30
CA TRP C 118 7.44 15.97 -34.26
C TRP C 118 8.49 15.68 -33.21
N THR C 119 8.96 16.75 -32.56
CA THR C 119 10.02 16.67 -31.55
C THR C 119 9.54 17.34 -30.28
N LYS C 120 9.98 16.78 -29.14
CA LYS C 120 9.64 17.32 -27.84
C LYS C 120 10.81 17.08 -26.89
N ILE C 121 10.96 17.98 -25.92
CA ILE C 121 11.98 17.84 -24.88
C ILE C 121 11.27 17.55 -23.56
N ILE C 122 11.61 16.42 -22.96
CA ILE C 122 11.04 16.02 -21.68
C ILE C 122 11.79 16.72 -20.55
N PRO C 123 11.12 17.35 -19.61
CA PRO C 123 11.82 17.94 -18.46
C PRO C 123 12.49 16.85 -17.64
N LEU C 124 13.75 17.08 -17.27
CA LEU C 124 14.52 16.15 -16.46
C LEU C 124 15.16 16.90 -15.30
N GLN C 125 14.95 16.40 -14.09
CA GLN C 125 15.61 16.96 -12.92
C GLN C 125 17.08 16.53 -12.92
N ALA C 126 17.82 17.01 -11.92
CA ALA C 126 19.24 16.69 -11.80
C ALA C 126 19.44 15.20 -11.62
N GLY C 127 20.24 14.59 -12.49
CA GLY C 127 20.52 13.18 -12.43
C GLY C 127 19.42 12.28 -12.98
N GLU C 128 18.30 12.84 -13.40
CA GLU C 128 17.20 12.05 -13.94
C GLU C 128 17.45 11.76 -15.41
N ARG C 129 17.25 10.50 -15.81
CA ARG C 129 17.43 10.05 -17.17
C ARG C 129 16.15 9.44 -17.69
N ILE C 130 15.94 9.52 -19.01
CA ILE C 130 14.93 8.70 -19.65
C ILE C 130 15.46 7.28 -19.75
N THR C 131 14.70 6.32 -19.22
CA THR C 131 15.16 4.94 -19.19
C THR C 131 14.55 4.05 -20.24
N SER C 132 13.39 4.42 -20.77
CA SER C 132 12.68 3.60 -21.75
C SER C 132 11.56 4.43 -22.37
N VAL C 133 11.33 4.20 -23.66
CA VAL C 133 10.21 4.80 -24.38
C VAL C 133 9.47 3.71 -25.13
N ALA C 134 8.20 3.98 -25.42
CA ALA C 134 7.36 3.05 -26.17
C ALA C 134 6.28 3.84 -26.89
N ALA C 135 5.74 3.25 -27.95
CA ALA C 135 4.73 3.93 -28.75
C ALA C 135 3.78 2.92 -29.37
N THR C 136 2.52 3.31 -29.46
CA THR C 136 1.49 2.61 -30.22
C THR C 136 0.93 3.58 -31.24
N PRO C 137 0.02 3.16 -32.13
CA PRO C 137 -0.61 4.14 -33.03
C PRO C 137 -1.37 5.25 -32.33
N VAL C 138 -1.60 5.16 -31.02
CA VAL C 138 -2.44 6.15 -30.33
C VAL C 138 -1.75 6.73 -29.10
N ARG C 139 -0.62 6.14 -28.68
CA ARG C 139 0.02 6.56 -27.44
C ARG C 139 1.54 6.59 -27.59
N VAL C 140 2.15 7.54 -26.90
CA VAL C 140 3.60 7.65 -26.76
C VAL C 140 3.93 7.72 -25.29
N ILE C 141 4.85 6.87 -24.83
CA ILE C 141 5.13 6.70 -23.41
C ILE C 141 6.61 6.98 -23.15
N VAL C 142 6.89 7.70 -22.07
CA VAL C 142 8.25 8.01 -21.63
C VAL C 142 8.37 7.71 -20.15
N GLY C 143 9.37 6.91 -19.77
CA GLY C 143 9.63 6.61 -18.38
C GLY C 143 11.02 7.06 -17.97
N THR C 144 11.16 7.47 -16.72
CA THR C 144 12.40 8.04 -16.21
C THR C 144 12.91 7.26 -15.00
N SER C 145 14.17 7.52 -14.66
CA SER C 145 14.82 6.88 -13.52
C SER C 145 14.26 7.36 -12.18
N LEU C 146 13.55 8.47 -12.16
CA LEU C 146 12.88 8.94 -10.95
C LEU C 146 11.45 8.45 -10.84
N GLY C 147 10.97 7.68 -11.80
CA GLY C 147 9.61 7.17 -11.76
C GLY C 147 8.57 8.07 -12.40
N TYR C 148 8.97 9.03 -13.21
CA TYR C 148 8.01 9.85 -13.93
C TYR C 148 7.49 9.11 -15.15
N PHE C 149 6.16 9.05 -15.26
CA PHE C 149 5.48 8.33 -16.33
C PHE C 149 4.70 9.35 -17.13
N ARG C 150 5.22 9.71 -18.31
CA ARG C 150 4.64 10.74 -19.15
C ARG C 150 4.06 10.12 -20.40
N SER C 151 2.79 10.42 -20.68
CA SER C 151 2.10 9.84 -21.83
C SER C 151 1.60 10.95 -22.74
N PHE C 152 1.54 10.63 -24.04
CA PHE C 152 1.13 11.55 -25.08
C PHE C 152 0.31 10.78 -26.11
N ASN C 153 -0.39 11.49 -26.98
CA ASN C 153 -0.97 10.84 -28.14
C ASN C 153 0.06 10.80 -29.27
N GLN C 154 -0.32 10.24 -30.41
CA GLN C 154 0.64 10.06 -31.50
C GLN C 154 1.09 11.38 -32.13
N PHE C 155 0.48 12.51 -31.77
CA PHE C 155 0.84 13.80 -32.33
C PHE C 155 1.64 14.67 -31.35
N GLY C 156 1.90 14.17 -30.14
CA GLY C 156 2.69 14.89 -29.17
C GLY C 156 1.91 15.68 -28.13
N VAL C 157 0.59 15.59 -28.13
CA VAL C 157 -0.23 16.27 -27.14
C VAL C 157 -0.13 15.52 -25.82
N PRO C 158 0.32 16.16 -24.74
CA PRO C 158 0.46 15.44 -23.46
C PRO C 158 -0.90 15.16 -22.84
N PHE C 159 -1.02 13.98 -22.24
CA PHE C 159 -2.26 13.57 -21.57
C PHE C 159 -2.15 13.51 -20.05
N ALA C 160 -1.07 12.94 -19.50
CA ALA C 160 -0.95 12.88 -18.05
C ALA C 160 0.50 12.64 -17.66
N VAL C 161 0.90 13.27 -16.55
CA VAL C 161 2.17 13.01 -15.89
C VAL C 161 1.87 12.24 -14.61
N GLU C 162 2.45 11.05 -14.48
CA GLU C 162 2.23 10.19 -13.31
C GLU C 162 3.56 9.89 -12.63
N LYS C 163 3.51 9.73 -11.31
CA LYS C 163 4.67 9.38 -10.51
C LYS C 163 4.56 7.94 -10.05
N THR C 164 5.52 7.10 -10.44
CA THR C 164 5.56 5.71 -10.02
C THR C 164 6.93 5.38 -9.45
N SER C 165 7.20 4.10 -9.21
CA SER C 165 8.55 3.66 -8.91
C SER C 165 9.44 3.90 -10.12
N PRO C 166 10.75 4.01 -9.92
CA PRO C 166 11.67 4.19 -11.06
C PRO C 166 11.44 3.15 -12.14
N ILE C 167 11.35 3.61 -13.38
CA ILE C 167 11.04 2.77 -14.53
C ILE C 167 12.34 2.33 -15.18
N VAL C 168 12.43 1.06 -15.53
CA VAL C 168 13.59 0.53 -16.23
C VAL C 168 13.26 0.02 -17.63
N ALA C 169 12.02 -0.36 -17.92
CA ALA C 169 11.67 -0.87 -19.24
C ALA C 169 10.19 -0.64 -19.50
N LEU C 170 9.86 -0.33 -20.75
CA LEU C 170 8.48 -0.09 -21.16
C LEU C 170 8.20 -0.80 -22.48
N THR C 171 6.96 -1.31 -22.61
CA THR C 171 6.42 -1.71 -23.89
C THR C 171 4.93 -1.41 -23.87
N ALA C 172 4.33 -1.37 -25.05
CA ALA C 172 2.93 -0.96 -25.16
C ALA C 172 2.29 -1.60 -26.37
N GLN C 173 0.97 -1.72 -26.31
CA GLN C 173 0.17 -2.27 -27.41
C GLN C 173 -1.22 -1.68 -27.32
N ASN C 174 -1.63 -0.96 -28.36
CA ASN C 174 -2.90 -0.22 -28.37
C ASN C 174 -2.96 0.76 -27.21
N TYR C 175 -3.83 0.49 -26.24
CA TYR C 175 -3.98 1.33 -25.06
C TYR C 175 -3.35 0.71 -23.81
N ARG C 176 -2.66 -0.43 -23.94
CA ARG C 176 -2.11 -1.13 -22.81
C ARG C 176 -0.62 -0.86 -22.68
N VAL C 177 -0.14 -0.80 -21.44
CA VAL C 177 1.25 -0.52 -21.14
C VAL C 177 1.76 -1.59 -20.19
N PHE C 178 2.94 -2.14 -20.49
CA PHE C 178 3.61 -3.10 -19.61
C PHE C 178 4.93 -2.44 -19.19
N SER C 179 5.03 -2.10 -17.91
CA SER C 179 6.18 -1.37 -17.38
C SER C 179 6.91 -2.23 -16.37
N VAL C 180 8.24 -2.16 -16.40
CA VAL C 180 9.09 -2.84 -15.44
C VAL C 180 9.71 -1.78 -14.53
N HIS C 181 9.61 -2.01 -13.23
CA HIS C 181 10.04 -1.05 -12.22
C HIS C 181 11.11 -1.66 -11.33
N TYR C 182 11.84 -0.79 -10.65
CA TYR C 182 12.90 -1.19 -9.74
C TYR C 182 12.78 -0.38 -8.45
N SER C 183 12.85 -1.08 -7.32
CA SER C 183 12.99 -0.44 -6.03
C SER C 183 14.22 -0.99 -5.32
N GLN C 184 14.67 -0.25 -4.32
CA GLN C 184 15.80 -0.66 -3.48
C GLN C 184 15.43 -1.69 -2.42
N PHE C 185 14.15 -2.06 -2.31
CA PHE C 185 13.69 -2.98 -1.27
C PHE C 185 13.41 -4.38 -1.80
N HIS C 186 12.52 -4.50 -2.79
CA HIS C 186 12.16 -5.78 -3.39
C HIS C 186 12.82 -6.08 -4.73
N GLY C 187 13.48 -5.11 -5.35
CA GLY C 187 14.09 -5.32 -6.66
C GLY C 187 13.13 -5.02 -7.81
N LEU C 188 13.01 -5.97 -8.73
CA LEU C 188 12.23 -5.75 -9.95
C LEU C 188 10.76 -6.11 -9.75
N SER C 189 9.90 -5.20 -10.19
CA SER C 189 8.45 -5.41 -10.23
C SER C 189 7.93 -4.96 -11.58
N TYR C 190 6.65 -5.26 -11.84
CA TYR C 190 6.03 -4.89 -13.10
C TYR C 190 4.63 -4.36 -12.86
N SER C 191 4.17 -3.49 -13.76
CA SER C 191 2.80 -3.01 -13.77
C SER C 191 2.19 -3.25 -15.14
N LEU C 192 0.87 -3.45 -15.14
CA LEU C 192 0.10 -3.65 -16.36
C LEU C 192 -1.12 -2.74 -16.28
N SER C 193 -1.26 -1.84 -17.25
CA SER C 193 -2.27 -0.81 -17.18
C SER C 193 -2.90 -0.58 -18.55
N GLU C 194 -4.00 0.15 -18.55
CA GLU C 194 -4.71 0.54 -19.76
C GLU C 194 -4.87 2.05 -19.75
N LEU C 195 -4.43 2.70 -20.84
CA LEU C 195 -4.59 4.14 -20.97
C LEU C 195 -5.81 4.41 -21.86
N GLY C 196 -6.98 4.13 -21.31
CA GLY C 196 -8.21 4.27 -22.06
C GLY C 196 -8.57 5.72 -22.30
N THR C 197 -9.70 5.89 -22.99
CA THR C 197 -10.22 7.23 -23.25
C THR C 197 -10.71 7.87 -21.96
N SER C 198 -11.11 7.06 -20.99
CA SER C 198 -11.62 7.56 -19.71
C SER C 198 -10.47 7.88 -18.77
N SER C 199 -10.01 6.87 -18.03
CA SER C 199 -8.91 7.02 -17.09
C SER C 199 -8.01 5.80 -17.19
N LYS C 200 -6.83 5.90 -16.59
CA LYS C 200 -5.87 4.81 -16.61
C LYS C 200 -6.18 3.83 -15.49
N ARG C 201 -6.34 2.55 -15.86
CA ARG C 201 -6.67 1.49 -14.92
C ARG C 201 -5.52 0.49 -14.83
N TYR C 202 -5.19 0.09 -13.62
CA TYR C 202 -4.13 -0.88 -13.39
C TYR C 202 -4.75 -2.26 -13.23
N TYR C 203 -4.30 -3.21 -14.06
CA TYR C 203 -4.63 -4.61 -13.84
C TYR C 203 -3.68 -5.24 -12.84
N LYS C 204 -2.40 -4.86 -12.90
CA LYS C 204 -1.39 -5.33 -11.96
C LYS C 204 -0.55 -4.11 -11.60
N ARG C 205 -0.32 -3.88 -10.31
CA ARG C 205 0.38 -2.69 -9.84
C ARG C 205 1.60 -3.12 -9.04
N GLU C 206 2.77 -3.00 -9.67
CA GLU C 206 4.07 -3.26 -9.03
C GLU C 206 4.05 -4.62 -8.33
N CYS C 207 3.71 -5.64 -9.10
CA CYS C 207 3.69 -7.04 -8.71
C CYS C 207 5.06 -7.67 -8.91
N PRO C 208 5.34 -8.79 -8.24
CA PRO C 208 6.65 -9.43 -8.40
C PRO C 208 6.90 -9.86 -9.83
N LEU C 209 8.13 -9.62 -10.29
CA LEU C 209 8.57 -10.02 -11.63
C LEU C 209 9.47 -11.23 -11.50
N PRO C 210 8.98 -12.45 -11.79
CA PRO C 210 9.80 -13.64 -11.55
C PRO C 210 10.82 -13.91 -12.64
N MET C 211 11.50 -12.87 -13.10
CA MET C 211 12.55 -13.01 -14.09
C MET C 211 13.91 -13.16 -13.40
N SER C 212 14.67 -14.16 -13.81
CA SER C 212 15.99 -14.40 -13.23
C SER C 212 16.95 -13.28 -13.62
N LEU C 213 17.68 -12.77 -12.64
CA LEU C 213 18.68 -11.74 -12.89
C LEU C 213 19.96 -12.37 -13.44
N PRO C 214 20.78 -11.58 -14.13
CA PRO C 214 22.04 -12.12 -14.67
C PRO C 214 22.97 -12.58 -13.55
N ASN C 215 23.71 -13.66 -13.83
CA ASN C 215 24.63 -14.24 -12.87
C ASN C 215 25.78 -13.30 -12.56
N ASP C 223 35.25 -12.41 -19.70
CA ASP C 223 33.97 -12.70 -20.33
C ASP C 223 33.81 -11.90 -21.62
N ALA C 224 33.48 -12.59 -22.70
CA ALA C 224 33.35 -11.92 -24.00
C ALA C 224 32.08 -11.08 -24.09
N ASN C 225 31.09 -11.33 -23.23
CA ASN C 225 29.84 -10.59 -23.24
C ASN C 225 29.74 -9.58 -22.09
N LEU C 226 30.89 -9.14 -21.56
CA LEU C 226 30.86 -8.16 -20.48
C LEU C 226 30.27 -6.83 -20.94
N ASP C 227 30.49 -6.47 -22.21
CA ASP C 227 29.94 -5.21 -22.71
C ASP C 227 28.42 -5.20 -22.70
N TYR C 228 27.80 -6.37 -22.89
CA TYR C 228 26.33 -6.40 -22.90
C TYR C 228 25.76 -6.14 -21.51
N TYR C 229 26.34 -6.74 -20.47
CA TYR C 229 25.79 -6.59 -19.13
C TYR C 229 26.08 -5.23 -18.53
N ASN C 230 27.13 -4.54 -18.98
CA ASN C 230 27.27 -3.11 -18.68
C ASN C 230 26.24 -2.30 -19.45
N PHE C 231 25.86 -2.76 -20.64
CA PHE C 231 24.88 -2.06 -21.46
C PHE C 231 23.46 -2.30 -20.96
N ASN C 232 23.17 -3.50 -20.45
CA ASN C 232 21.84 -3.84 -19.95
C ASN C 232 22.01 -4.63 -18.67
N PRO C 233 22.14 -3.94 -17.53
CA PRO C 233 22.42 -4.66 -16.26
C PRO C 233 21.32 -5.61 -15.84
N MET C 234 20.04 -5.27 -16.09
CA MET C 234 18.95 -6.14 -15.68
C MET C 234 18.86 -7.40 -16.54
N GLY C 235 19.51 -7.42 -17.70
CA GLY C 235 19.50 -8.58 -18.56
C GLY C 235 18.20 -8.82 -19.30
N ILE C 236 17.28 -7.86 -19.30
CA ILE C 236 16.04 -7.98 -20.06
C ILE C 236 16.38 -7.78 -21.54
N LYS C 237 16.53 -8.89 -22.27
CA LYS C 237 16.89 -8.78 -23.69
C LYS C 237 15.79 -8.10 -24.49
N SER C 238 14.53 -8.45 -24.22
CA SER C 238 13.42 -7.75 -24.84
C SER C 238 12.15 -8.04 -24.05
N LEU C 239 11.14 -7.21 -24.27
CA LEU C 239 9.81 -7.43 -23.73
C LEU C 239 8.79 -6.88 -24.73
N PHE C 240 7.62 -7.50 -24.76
CA PHE C 240 6.60 -7.16 -25.73
C PHE C 240 5.30 -7.85 -25.35
N PHE C 241 4.20 -7.33 -25.88
CA PHE C 241 2.94 -8.05 -25.85
C PHE C 241 2.91 -9.09 -26.96
N SER C 242 2.30 -10.24 -26.66
CA SER C 242 2.08 -11.23 -27.70
C SER C 242 1.02 -10.73 -28.68
N SER C 243 0.87 -11.46 -29.79
CA SER C 243 -0.15 -11.10 -30.77
C SER C 243 -1.56 -11.20 -30.19
N TYR C 244 -1.76 -11.97 -29.12
CA TYR C 244 -3.06 -12.08 -28.47
C TYR C 244 -3.16 -11.23 -27.21
N GLY C 245 -2.17 -10.38 -26.95
CA GLY C 245 -2.27 -9.39 -25.90
C GLY C 245 -1.69 -9.74 -24.54
N ASP C 246 -0.85 -10.77 -24.45
CA ASP C 246 -0.29 -11.07 -23.14
C ASP C 246 1.14 -10.58 -23.03
N PRO C 247 1.50 -10.01 -21.88
CA PRO C 247 2.87 -9.49 -21.71
C PRO C 247 3.89 -10.62 -21.74
N CYS C 248 5.02 -10.35 -22.38
CA CYS C 248 6.11 -11.30 -22.48
C CYS C 248 7.41 -10.63 -22.09
N ILE C 249 8.34 -11.42 -21.56
CA ILE C 249 9.66 -10.93 -21.20
C ILE C 249 10.67 -12.04 -21.47
N PHE C 250 11.90 -11.63 -21.80
CA PHE C 250 12.95 -12.56 -22.24
C PHE C 250 14.24 -12.12 -21.56
N GLY C 251 14.63 -12.85 -20.51
CA GLY C 251 15.76 -12.47 -19.68
C GLY C 251 17.04 -13.20 -20.05
N SER C 252 18.03 -13.07 -19.16
CA SER C 252 19.35 -13.64 -19.42
C SER C 252 19.34 -15.16 -19.45
N ASP C 253 18.37 -15.81 -18.81
CA ASP C 253 18.27 -17.26 -18.89
C ASP C 253 17.68 -17.73 -20.21
N ASN C 254 17.36 -16.81 -21.12
CA ASN C 254 16.89 -17.13 -22.47
C ASN C 254 15.59 -17.92 -22.45
N THR C 255 14.74 -17.67 -21.46
CA THR C 255 13.44 -18.32 -21.35
C THR C 255 12.35 -17.29 -21.57
N LEU C 256 11.43 -17.58 -22.49
CA LEU C 256 10.31 -16.70 -22.78
C LEU C 256 9.23 -16.89 -21.72
N LEU C 257 8.92 -15.83 -20.97
CA LEU C 257 7.90 -15.85 -19.93
C LEU C 257 6.65 -15.14 -20.43
N LEU C 258 5.51 -15.79 -20.28
CA LEU C 258 4.22 -15.26 -20.71
C LEU C 258 3.32 -15.07 -19.49
N LEU C 259 2.71 -13.90 -19.38
CA LEU C 259 1.77 -13.62 -18.31
C LEU C 259 0.38 -14.02 -18.78
N SER C 260 -0.18 -15.06 -18.18
CA SER C 260 -1.49 -15.57 -18.55
C SER C 260 -2.53 -15.12 -17.53
N LYS C 261 -3.77 -14.98 -17.99
CA LYS C 261 -4.92 -14.71 -17.13
C LYS C 261 -4.76 -13.41 -16.34
N TRP C 262 -4.10 -12.41 -16.94
CA TRP C 262 -3.84 -11.17 -16.21
C TRP C 262 -5.09 -10.34 -15.98
N ARG C 263 -6.21 -10.65 -16.64
CA ARG C 263 -7.46 -9.97 -16.35
C ARG C 263 -8.12 -10.47 -15.08
N SER C 264 -7.70 -11.64 -14.59
CA SER C 264 -8.19 -12.16 -13.33
C SER C 264 -7.06 -12.07 -12.31
N PRO C 265 -7.11 -11.12 -11.37
CA PRO C 265 -5.98 -10.93 -10.45
C PRO C 265 -5.66 -12.16 -9.65
N GLU C 266 -6.65 -12.99 -9.35
CA GLU C 266 -6.42 -14.17 -8.53
C GLU C 266 -5.93 -15.38 -9.32
N GLU C 267 -5.99 -15.35 -10.66
CA GLU C 267 -5.57 -16.49 -11.46
C GLU C 267 -4.34 -16.21 -12.32
N SER C 268 -3.84 -14.99 -12.34
CA SER C 268 -2.73 -14.65 -13.20
C SER C 268 -1.44 -15.34 -12.75
N LYS C 269 -0.70 -15.89 -13.72
CA LYS C 269 0.56 -16.56 -13.44
C LYS C 269 1.49 -16.42 -14.63
N TRP C 270 2.79 -16.43 -14.37
CA TRP C 270 3.80 -16.39 -15.41
C TRP C 270 4.14 -17.80 -15.85
N LEU C 271 4.07 -18.05 -17.16
CA LEU C 271 4.28 -19.38 -17.72
C LEU C 271 5.55 -19.38 -18.55
N PRO C 272 6.55 -20.20 -18.22
CA PRO C 272 7.67 -20.38 -19.15
C PRO C 272 7.25 -21.26 -20.32
N ILE C 273 7.09 -20.67 -21.49
CA ILE C 273 6.54 -21.38 -22.64
C ILE C 273 7.58 -21.72 -23.67
N LEU C 274 8.83 -21.32 -23.47
CA LEU C 274 9.88 -21.65 -24.43
C LEU C 274 11.22 -21.47 -23.73
N ASP C 275 11.95 -22.57 -23.55
CA ASP C 275 13.34 -22.54 -23.09
C ASP C 275 14.20 -22.63 -24.33
N SER C 276 14.66 -21.48 -24.83
CA SER C 276 15.40 -21.46 -26.08
C SER C 276 16.73 -22.20 -25.96
N ASN C 277 17.27 -22.30 -24.75
CA ASN C 277 18.45 -23.13 -24.53
C ASN C 277 18.16 -24.59 -24.87
N MET C 278 16.96 -25.07 -24.53
CA MET C 278 16.59 -26.45 -24.83
C MET C 278 16.37 -26.68 -26.32
N GLU C 279 15.77 -25.70 -27.01
CA GLU C 279 15.51 -25.87 -28.44
C GLU C 279 16.80 -25.81 -29.25
N ILE C 280 17.72 -24.91 -28.90
CA ILE C 280 19.02 -24.86 -29.57
C ILE C 280 19.78 -26.17 -29.35
N TRP C 281 19.68 -26.73 -28.14
CA TRP C 281 20.33 -28.00 -27.87
C TRP C 281 19.78 -29.11 -28.76
N LYS C 282 18.46 -29.16 -28.92
CA LYS C 282 17.85 -30.17 -29.78
C LYS C 282 18.16 -29.91 -31.25
N MET C 283 18.30 -28.65 -31.65
CA MET C 283 18.62 -28.34 -33.04
C MET C 283 20.02 -28.81 -33.42
N SER C 284 20.97 -28.78 -32.49
CA SER C 284 22.34 -29.19 -32.75
C SER C 284 22.54 -30.70 -32.76
N GLY C 285 21.47 -31.47 -32.89
CA GLY C 285 21.60 -32.91 -32.89
C GLY C 285 22.00 -33.51 -31.56
N GLY C 286 21.62 -32.87 -30.46
CA GLY C 286 21.96 -33.37 -29.14
C GLY C 286 23.35 -33.03 -28.66
N LYS C 287 23.96 -31.98 -29.19
CA LYS C 287 25.31 -31.58 -28.82
C LYS C 287 25.27 -30.22 -28.13
N GLU C 288 26.04 -30.09 -27.06
CA GLU C 288 26.10 -28.84 -26.31
C GLU C 288 26.96 -27.84 -27.08
N THR C 289 26.33 -26.78 -27.57
CA THR C 289 27.02 -25.74 -28.31
C THR C 289 26.98 -24.42 -27.54
N THR C 290 27.96 -23.57 -27.81
CA THR C 290 28.07 -22.25 -27.20
C THR C 290 28.27 -21.18 -28.26
N ASP C 291 27.85 -21.44 -29.49
CA ASP C 291 28.02 -20.50 -30.59
C ASP C 291 26.70 -20.04 -31.19
N ILE C 292 25.57 -20.58 -30.74
CA ILE C 292 24.26 -20.21 -31.24
C ILE C 292 23.46 -19.61 -30.09
N HIS C 293 22.87 -18.44 -30.32
CA HIS C 293 22.09 -17.74 -29.32
C HIS C 293 20.83 -17.19 -29.97
N VAL C 294 19.80 -16.98 -29.16
CA VAL C 294 18.50 -16.53 -29.63
C VAL C 294 18.32 -15.08 -29.22
N TRP C 295 17.92 -14.25 -30.17
CA TRP C 295 17.64 -12.84 -29.92
C TRP C 295 16.16 -12.60 -30.21
N PRO C 296 15.34 -12.34 -29.19
CA PRO C 296 13.88 -12.34 -29.41
C PRO C 296 13.40 -11.07 -30.09
N LEU C 297 12.52 -11.26 -31.07
CA LEU C 297 11.90 -10.15 -31.80
C LEU C 297 10.44 -9.95 -31.40
N ALA C 298 9.66 -11.02 -31.37
CA ALA C 298 8.24 -10.93 -31.10
C ALA C 298 7.71 -12.33 -30.84
N LEU C 299 6.52 -12.37 -30.25
CA LEU C 299 5.76 -13.60 -30.07
C LEU C 299 4.47 -13.47 -30.86
N ALA C 300 4.31 -14.33 -31.86
CA ALA C 300 3.07 -14.31 -32.62
C ALA C 300 2.10 -15.27 -31.94
N TYR C 301 1.26 -15.96 -32.70
CA TYR C 301 0.34 -16.87 -32.04
C TYR C 301 1.02 -18.17 -31.61
N ASP C 302 1.83 -18.77 -32.51
CA ASP C 302 2.45 -20.05 -32.20
C ASP C 302 3.96 -20.07 -32.43
N THR C 303 4.57 -18.96 -32.83
CA THR C 303 5.98 -18.91 -33.20
C THR C 303 6.67 -17.74 -32.53
N LEU C 304 7.85 -17.98 -31.97
CA LEU C 304 8.69 -16.91 -31.45
C LEU C 304 9.57 -16.40 -32.60
N ASN C 305 9.27 -15.18 -33.06
N ASN C 305 9.27 -15.18 -33.06
CA ASN C 305 10.11 -14.54 -34.07
CA ASN C 305 10.12 -14.54 -34.05
C ASN C 305 11.42 -14.10 -33.42
C ASN C 305 11.43 -14.11 -33.41
N CYS C 306 12.54 -14.45 -34.03
CA CYS C 306 13.85 -14.21 -33.42
C CYS C 306 14.94 -14.16 -34.48
N ILE C 307 16.10 -13.69 -34.04
CA ILE C 307 17.34 -13.74 -34.80
C ILE C 307 18.22 -14.82 -34.18
N LEU C 308 18.70 -15.76 -35.00
CA LEU C 308 19.63 -16.78 -34.56
C LEU C 308 21.06 -16.24 -34.71
N VAL C 309 21.69 -15.94 -33.59
CA VAL C 309 23.01 -15.32 -33.57
C VAL C 309 24.07 -16.41 -33.54
N LYS C 310 24.98 -16.38 -34.51
CA LYS C 310 26.10 -17.31 -34.61
C LYS C 310 27.39 -16.50 -34.45
N GLY C 311 28.09 -16.71 -33.34
CA GLY C 311 29.32 -15.97 -33.11
C GLY C 311 29.70 -15.97 -31.65
N LYS C 312 30.74 -15.19 -31.34
CA LYS C 312 31.23 -15.08 -29.98
C LYS C 312 30.23 -14.35 -29.09
N HIS C 313 29.64 -13.28 -29.61
CA HIS C 313 28.74 -12.44 -28.83
C HIS C 313 27.32 -13.01 -28.86
N ILE C 314 26.58 -12.75 -27.78
CA ILE C 314 25.20 -13.20 -27.70
C ILE C 314 24.23 -12.28 -28.42
N TRP C 315 24.71 -11.12 -28.88
CA TRP C 315 23.85 -10.18 -29.58
C TRP C 315 24.18 -10.17 -31.08
N PRO C 316 23.21 -9.88 -31.93
CA PRO C 316 23.48 -9.90 -33.37
C PRO C 316 24.33 -8.71 -33.81
N GLU C 317 25.00 -8.90 -34.94
CA GLU C 317 25.86 -7.87 -35.51
C GLU C 317 25.45 -7.56 -36.95
N PHE C 318 26.36 -6.98 -37.73
CA PHE C 318 26.04 -6.58 -39.08
C PHE C 318 26.78 -7.46 -40.08
N PRO C 319 26.11 -7.97 -41.12
CA PRO C 319 24.68 -7.75 -41.41
C PRO C 319 23.75 -8.60 -40.55
N LEU C 320 22.49 -8.21 -40.47
CA LEU C 320 21.53 -8.93 -39.66
C LEU C 320 21.05 -10.17 -40.40
N PRO C 321 21.02 -11.34 -39.76
CA PRO C 321 20.50 -12.54 -40.41
C PRO C 321 19.00 -12.41 -40.68
N LEU C 322 18.51 -13.33 -41.50
CA LEU C 322 17.07 -13.39 -41.73
C LEU C 322 16.36 -13.84 -40.45
N PRO C 323 15.18 -13.31 -40.16
CA PRO C 323 14.47 -13.70 -38.94
C PRO C 323 14.09 -15.18 -38.98
N SER C 324 14.13 -15.82 -37.81
CA SER C 324 13.73 -17.20 -37.67
C SER C 324 12.44 -17.31 -36.88
N GLU C 325 11.86 -18.50 -36.90
CA GLU C 325 10.65 -18.82 -36.15
C GLU C 325 10.89 -20.07 -35.32
N MET C 326 10.47 -20.02 -34.06
CA MET C 326 10.59 -21.15 -33.14
C MET C 326 9.20 -21.48 -32.59
N GLU C 327 8.73 -22.70 -32.89
CA GLU C 327 7.41 -23.13 -32.45
C GLU C 327 7.36 -23.23 -30.93
N ILE C 328 6.23 -22.83 -30.37
CA ILE C 328 6.02 -22.92 -28.93
C ILE C 328 5.73 -24.36 -28.53
N MET D 1 2.21 31.60 -39.82
CA MET D 1 1.10 32.53 -39.91
C MET D 1 0.29 32.56 -38.61
N ASP D 2 0.45 33.63 -37.84
CA ASP D 2 -0.32 33.78 -36.61
C ASP D 2 -1.79 34.02 -36.93
N ILE D 3 -2.66 33.37 -36.18
CA ILE D 3 -4.09 33.45 -36.42
C ILE D 3 -4.76 34.26 -35.32
N ILE D 5 -7.39 34.96 -32.83
CA ILE D 5 -8.37 34.12 -32.14
C ILE D 5 -8.94 34.81 -30.91
N ASP D 6 -8.32 35.93 -30.51
CA ASP D 6 -8.72 36.59 -29.27
C ASP D 6 -10.17 37.05 -29.31
N ASP D 7 -10.66 37.47 -30.48
CA ASP D 7 -12.07 37.84 -30.59
C ASP D 7 -12.97 36.63 -30.47
N ILE D 8 -12.53 35.48 -31.01
CA ILE D 8 -13.33 34.26 -30.91
C ILE D 8 -13.35 33.75 -29.47
N LEU D 9 -12.28 33.95 -28.72
CA LEU D 9 -12.21 33.50 -27.35
C LEU D 9 -13.14 34.33 -26.45
N GLU D 11 -15.86 35.74 -27.48
CA GLU D 11 -17.21 35.35 -27.88
C GLU D 11 -17.62 34.10 -27.10
N LEU D 12 -16.62 33.29 -26.75
CA LEU D 12 -16.86 32.09 -25.96
C LEU D 12 -17.12 32.43 -24.50
N ASP D 13 -16.61 33.56 -24.03
CA ASP D 13 -16.81 33.97 -22.64
C ASP D 13 -18.24 34.39 -22.36
N LYS D 14 -18.93 34.93 -23.37
CA LYS D 14 -20.28 35.44 -23.17
C LYS D 14 -21.24 34.33 -22.77
N GLU D 15 -22.05 34.61 -21.76
CA GLU D 15 -23.03 33.64 -21.25
C GLU D 15 -24.44 34.01 -21.67
N MET E 1 -18.08 14.80 42.63
CA MET E 1 -19.29 14.23 43.21
C MET E 1 -19.56 12.83 42.66
N ASP E 2 -19.32 11.81 43.48
CA ASP E 2 -19.61 10.45 43.06
C ASP E 2 -21.11 10.23 42.96
N ILE E 3 -21.54 9.58 41.89
CA ILE E 3 -22.95 9.37 41.63
C ILE E 3 -23.33 7.92 41.83
N ILE E 5 -25.09 4.69 41.10
CA ILE E 5 -25.68 4.16 39.87
C ILE E 5 -26.01 2.67 40.00
N ASP E 6 -25.55 2.04 41.09
CA ASP E 6 -25.71 0.60 41.24
C ASP E 6 -27.18 0.19 41.29
N ASP E 7 -28.04 1.03 41.87
CA ASP E 7 -29.47 0.70 41.87
C ASP E 7 -30.07 0.84 40.47
N ILE E 8 -29.58 1.81 39.69
CA ILE E 8 -30.08 2.00 38.33
C ILE E 8 -29.61 0.87 37.42
N LEU E 9 -28.41 0.35 37.64
CA LEU E 9 -27.88 -0.75 36.85
C LEU E 9 -28.62 -2.05 37.16
N GLU E 11 -31.73 -2.29 38.17
CA GLU E 11 -33.05 -2.16 37.58
C GLU E 11 -32.99 -2.49 36.10
N LEU E 12 -31.82 -2.25 35.49
CA LEU E 12 -31.64 -2.55 34.09
C LEU E 12 -31.51 -4.05 33.84
N ASP E 13 -31.05 -4.81 34.83
CA ASP E 13 -30.92 -6.25 34.65
C ASP E 13 -32.29 -6.93 34.65
N LYS E 14 -33.21 -6.43 35.46
CA LYS E 14 -34.53 -7.04 35.55
C LYS E 14 -35.32 -6.80 34.27
N GLU E 15 -36.22 -7.71 33.95
CA GLU E 15 -36.97 -7.67 32.70
C GLU E 15 -38.46 -7.80 32.93
#